data_3CGS
# 
_entry.id   3CGS 
# 
_audit_conform.dict_name       mmcif_pdbx.dic 
_audit_conform.dict_version    5.389 
_audit_conform.dict_location   http://mmcif.pdb.org/dictionaries/ascii/mmcif_pdbx.dic 
# 
loop_
_database_2.database_id 
_database_2.database_code 
_database_2.pdbx_database_accession 
_database_2.pdbx_DOI 
PDB   3CGS         pdb_00003cgs 10.2210/pdb3cgs/pdb 
NDB   AR0096       ?            ?                   
RCSB  RCSB046758   ?            ?                   
WWPDB D_1000046758 ?            ?                   
# 
loop_
_pdbx_audit_revision_history.ordinal 
_pdbx_audit_revision_history.data_content_type 
_pdbx_audit_revision_history.major_revision 
_pdbx_audit_revision_history.minor_revision 
_pdbx_audit_revision_history.revision_date 
1 'Structure model' 1 0 2008-07-01 
2 'Structure model' 1 1 2011-07-13 
3 'Structure model' 1 2 2024-02-21 
4 'Structure model' 1 3 2024-04-03 
# 
_pdbx_audit_revision_details.ordinal             1 
_pdbx_audit_revision_details.revision_ordinal    1 
_pdbx_audit_revision_details.data_content_type   'Structure model' 
_pdbx_audit_revision_details.provider            repository 
_pdbx_audit_revision_details.type                'Initial release' 
_pdbx_audit_revision_details.description         ? 
_pdbx_audit_revision_details.details             ? 
# 
loop_
_pdbx_audit_revision_group.ordinal 
_pdbx_audit_revision_group.revision_ordinal 
_pdbx_audit_revision_group.data_content_type 
_pdbx_audit_revision_group.group 
1 2 'Structure model' 'Version format compliance' 
2 3 'Structure model' 'Data collection'           
3 3 'Structure model' 'Database references'       
4 3 'Structure model' 'Derived calculations'      
5 4 'Structure model' 'Refinement description'    
# 
loop_
_pdbx_audit_revision_category.ordinal 
_pdbx_audit_revision_category.revision_ordinal 
_pdbx_audit_revision_category.data_content_type 
_pdbx_audit_revision_category.category 
1 3 'Structure model' chem_comp_atom                
2 3 'Structure model' chem_comp_bond                
3 3 'Structure model' database_2                    
4 3 'Structure model' pdbx_struct_conn_angle        
5 3 'Structure model' struct_conn                   
6 3 'Structure model' struct_ref_seq                
7 3 'Structure model' struct_site                   
8 4 'Structure model' pdbx_initial_refinement_model 
# 
loop_
_pdbx_audit_revision_item.ordinal 
_pdbx_audit_revision_item.revision_ordinal 
_pdbx_audit_revision_item.data_content_type 
_pdbx_audit_revision_item.item 
1  3 'Structure model' '_database_2.pdbx_DOI'                        
2  3 'Structure model' '_database_2.pdbx_database_accession'         
3  3 'Structure model' '_pdbx_struct_conn_angle.ptnr1_auth_asym_id'  
4  3 'Structure model' '_pdbx_struct_conn_angle.ptnr1_auth_seq_id'   
5  3 'Structure model' '_pdbx_struct_conn_angle.ptnr1_label_asym_id' 
6  3 'Structure model' '_pdbx_struct_conn_angle.ptnr3_auth_asym_id'  
7  3 'Structure model' '_pdbx_struct_conn_angle.ptnr3_auth_seq_id'   
8  3 'Structure model' '_pdbx_struct_conn_angle.ptnr3_label_asym_id' 
9  3 'Structure model' '_pdbx_struct_conn_angle.value'               
10 3 'Structure model' '_struct_conn.pdbx_dist_value'                
11 3 'Structure model' '_struct_conn.pdbx_leaving_atom_flag'         
12 3 'Structure model' '_struct_conn.ptnr1_auth_asym_id'             
13 3 'Structure model' '_struct_conn.ptnr1_auth_comp_id'             
14 3 'Structure model' '_struct_conn.ptnr1_auth_seq_id'              
15 3 'Structure model' '_struct_conn.ptnr1_label_asym_id'            
16 3 'Structure model' '_struct_conn.ptnr1_label_atom_id'            
17 3 'Structure model' '_struct_conn.ptnr1_label_comp_id'            
18 3 'Structure model' '_struct_conn.ptnr2_auth_asym_id'             
19 3 'Structure model' '_struct_conn.ptnr2_auth_comp_id'             
20 3 'Structure model' '_struct_conn.ptnr2_auth_seq_id'              
21 3 'Structure model' '_struct_conn.ptnr2_label_asym_id'            
22 3 'Structure model' '_struct_conn.ptnr2_label_atom_id'            
23 3 'Structure model' '_struct_conn.ptnr2_label_comp_id'            
24 3 'Structure model' '_struct_ref_seq.db_align_beg'                
25 3 'Structure model' '_struct_ref_seq.db_align_end'                
26 3 'Structure model' '_struct_site.pdbx_auth_asym_id'              
27 3 'Structure model' '_struct_site.pdbx_auth_comp_id'              
28 3 'Structure model' '_struct_site.pdbx_auth_seq_id'               
# 
_pdbx_database_status.status_code                     REL 
_pdbx_database_status.entry_id                        3CGS 
_pdbx_database_status.recvd_initial_deposition_date   2008-03-06 
_pdbx_database_status.deposit_site                    RCSB 
_pdbx_database_status.process_site                    RCSB 
_pdbx_database_status.status_code_sf                  REL 
_pdbx_database_status.status_code_mr                  ? 
_pdbx_database_status.SG_entry                        ? 
_pdbx_database_status.pdb_format_compatible           Y 
_pdbx_database_status.status_code_cs                  ? 
_pdbx_database_status.status_code_nmr_data            ? 
_pdbx_database_status.methods_development_category    ? 
# 
loop_
_pdbx_database_related.db_name 
_pdbx_database_related.db_id 
_pdbx_database_related.details 
_pdbx_database_related.content_type 
PDB 3CGP . unspecified 
PDB 3CGQ . unspecified 
PDB 3CGR . unspecified 
# 
loop_
_audit_author.name 
_audit_author.pdbx_ordinal 
'Lin, Y.'        1 
'Kielkopf, C.L.' 2 
# 
_citation.id                        primary 
_citation.title                     'X-ray structures of U2 snRNA-branchpoint duplexes containing conserved pseudouridines.' 
_citation.journal_abbrev            Biochemistry 
_citation.journal_volume            47 
_citation.page_first                5503 
_citation.page_last                 5514 
_citation.year                      2008 
_citation.journal_id_ASTM           BICHAW 
_citation.country                   US 
_citation.journal_id_ISSN           0006-2960 
_citation.journal_id_CSD            0033 
_citation.book_publisher            ? 
_citation.pdbx_database_id_PubMed   18435545 
_citation.pdbx_database_id_DOI      10.1021/bi7022392 
# 
loop_
_citation_author.citation_id 
_citation_author.name 
_citation_author.ordinal 
_citation_author.identifier_ORCID 
primary 'Lin, Y.'        1 ? 
primary 'Kielkopf, C.L.' 2 ? 
# 
loop_
_entity.id 
_entity.type 
_entity.src_method 
_entity.pdbx_description 
_entity.formula_weight 
_entity.pdbx_number_of_molecules 
_entity.pdbx_ec 
_entity.pdbx_mutation 
_entity.pdbx_fragment 
_entity.details 
1 polymer     syn 
;RNA (5'-R(*GP*CP*GP*CP*GP*(PSU)P*AP*GP*UP*AP*GP*C)-3')
;
3867.360 1   ? ? ? ? 
2 polymer     syn 
;RNA (5'-R(*CP*GP*CP*UP*AP*CP*UP*GP*AP*CP*GP*CP*G)-3')
;
4132.518 1   ? ? ? ? 
3 non-polymer syn 'MAGNESIUM ION'                                          24.305   1   ? ? ? ? 
4 water       nat water                                                    18.015   122 ? ? ? ? 
# 
loop_
_entity_poly.entity_id 
_entity_poly.type 
_entity_poly.nstd_linkage 
_entity_poly.nstd_monomer 
_entity_poly.pdbx_seq_one_letter_code 
_entity_poly.pdbx_seq_one_letter_code_can 
_entity_poly.pdbx_strand_id 
_entity_poly.pdbx_target_identifier 
1 polyribonucleotide no yes 'GCGCG(PSU)AGUAGC' GCGCGUAGUAGC  A ? 
2 polyribonucleotide no no  CGCUACUGACGCG      CGCUACUGACGCG B ? 
# 
loop_
_pdbx_entity_nonpoly.entity_id 
_pdbx_entity_nonpoly.name 
_pdbx_entity_nonpoly.comp_id 
3 'MAGNESIUM ION' MG  
4 water           HOH 
# 
loop_
_entity_poly_seq.entity_id 
_entity_poly_seq.num 
_entity_poly_seq.mon_id 
_entity_poly_seq.hetero 
1 1  G   n 
1 2  C   n 
1 3  G   n 
1 4  C   n 
1 5  G   n 
1 6  PSU n 
1 7  A   n 
1 8  G   n 
1 9  U   n 
1 10 A   n 
1 11 G   n 
1 12 C   n 
2 1  C   n 
2 2  G   n 
2 3  C   n 
2 4  U   n 
2 5  A   n 
2 6  C   n 
2 7  U   n 
2 8  G   n 
2 9  A   n 
2 10 C   n 
2 11 G   n 
2 12 C   n 
2 13 G   n 
# 
loop_
_pdbx_entity_src_syn.entity_id 
_pdbx_entity_src_syn.pdbx_src_id 
_pdbx_entity_src_syn.pdbx_alt_source_flag 
_pdbx_entity_src_syn.pdbx_beg_seq_num 
_pdbx_entity_src_syn.pdbx_end_seq_num 
_pdbx_entity_src_syn.organism_scientific 
_pdbx_entity_src_syn.organism_common_name 
_pdbx_entity_src_syn.ncbi_taxonomy_id 
_pdbx_entity_src_syn.details 
1 1 sample ? ? ? ? ? 'Central nucleotides of this sequence are highly conserved in U2 snRNA' 
2 1 sample ? ? ? ? ? 'Central nucleotides of this sequence occurs in mammalian pre-mRNAs'    
# 
loop_
_chem_comp.id 
_chem_comp.type 
_chem_comp.mon_nstd_flag 
_chem_comp.name 
_chem_comp.pdbx_synonyms 
_chem_comp.formula 
_chem_comp.formula_weight 
A   'RNA linking' y "ADENOSINE-5'-MONOPHOSPHATE"     ? 'C10 H14 N5 O7 P' 347.221 
C   'RNA linking' y "CYTIDINE-5'-MONOPHOSPHATE"      ? 'C9 H14 N3 O8 P'  323.197 
G   'RNA linking' y "GUANOSINE-5'-MONOPHOSPHATE"     ? 'C10 H14 N5 O8 P' 363.221 
HOH non-polymer   . WATER                            ? 'H2 O'            18.015  
MG  non-polymer   . 'MAGNESIUM ION'                  ? 'Mg 2'            24.305  
PSU 'RNA linking' n "PSEUDOURIDINE-5'-MONOPHOSPHATE" ? 'C9 H13 N2 O9 P'  324.181 
U   'RNA linking' y "URIDINE-5'-MONOPHOSPHATE"       ? 'C9 H13 N2 O9 P'  324.181 
# 
loop_
_pdbx_poly_seq_scheme.asym_id 
_pdbx_poly_seq_scheme.entity_id 
_pdbx_poly_seq_scheme.seq_id 
_pdbx_poly_seq_scheme.mon_id 
_pdbx_poly_seq_scheme.ndb_seq_num 
_pdbx_poly_seq_scheme.pdb_seq_num 
_pdbx_poly_seq_scheme.auth_seq_num 
_pdbx_poly_seq_scheme.pdb_mon_id 
_pdbx_poly_seq_scheme.auth_mon_id 
_pdbx_poly_seq_scheme.pdb_strand_id 
_pdbx_poly_seq_scheme.pdb_ins_code 
_pdbx_poly_seq_scheme.hetero 
A 1 1  G   1  1  1  G   G   A . n 
A 1 2  C   2  2  2  C   C   A . n 
A 1 3  G   3  3  3  G   G   A . n 
A 1 4  C   4  4  4  C   C   A . n 
A 1 5  G   5  5  5  G   G   A . n 
A 1 6  PSU 6  6  6  PSU PSU A . n 
A 1 7  A   7  7  7  A   A   A . n 
A 1 8  G   8  8  8  G   G   A . n 
A 1 9  U   9  9  9  U   U   A . n 
A 1 10 A   10 10 10 A   A   A . n 
A 1 11 G   11 11 11 G   G   A . n 
A 1 12 C   12 12 12 C   C   A . n 
B 2 1  C   1  13 13 C   C   B . n 
B 2 2  G   2  14 14 G   G   B . n 
B 2 3  C   3  15 15 C   C   B . n 
B 2 4  U   4  16 16 U   U   B . n 
B 2 5  A   5  17 17 A   A   B . n 
B 2 6  C   6  18 18 C   C   B . n 
B 2 7  U   7  19 19 U   U   B . n 
B 2 8  G   8  20 20 G   G   B . n 
B 2 9  A   9  21 21 A   A   B . n 
B 2 10 C   10 22 22 C   C   B . n 
B 2 11 G   11 23 23 G   G   B . n 
B 2 12 C   12 24 24 C   C   B . n 
B 2 13 G   13 25 25 G   G   B . n 
# 
loop_
_pdbx_nonpoly_scheme.asym_id 
_pdbx_nonpoly_scheme.entity_id 
_pdbx_nonpoly_scheme.mon_id 
_pdbx_nonpoly_scheme.ndb_seq_num 
_pdbx_nonpoly_scheme.pdb_seq_num 
_pdbx_nonpoly_scheme.auth_seq_num 
_pdbx_nonpoly_scheme.pdb_mon_id 
_pdbx_nonpoly_scheme.auth_mon_id 
_pdbx_nonpoly_scheme.pdb_strand_id 
_pdbx_nonpoly_scheme.pdb_ins_code 
C 3 MG  1  1  1   MG  MG  B . 
D 4 HOH 1  13 4   HOH HOH A . 
D 4 HOH 2  14 5   HOH HOH A . 
D 4 HOH 3  15 1   HOH HOH A . 
D 4 HOH 4  16 6   HOH HOH A . 
D 4 HOH 5  17 8   HOH HOH A . 
D 4 HOH 6  18 9   HOH HOH A . 
D 4 HOH 7  19 11  HOH HOH A . 
D 4 HOH 8  20 15  HOH HOH A . 
D 4 HOH 9  21 16  HOH HOH A . 
D 4 HOH 10 22 18  HOH HOH A . 
D 4 HOH 11 23 19  HOH HOH A . 
D 4 HOH 12 24 20  HOH HOH A . 
D 4 HOH 13 25 21  HOH HOH A . 
D 4 HOH 14 26 22  HOH HOH A . 
D 4 HOH 15 27 23  HOH HOH A . 
D 4 HOH 16 28 25  HOH HOH A . 
D 4 HOH 17 29 26  HOH HOH A . 
D 4 HOH 18 30 28  HOH HOH A . 
D 4 HOH 19 31 31  HOH HOH A . 
D 4 HOH 20 32 33  HOH HOH A . 
D 4 HOH 21 33 34  HOH HOH A . 
D 4 HOH 22 34 35  HOH HOH A . 
D 4 HOH 23 35 37  HOH HOH A . 
D 4 HOH 24 36 38  HOH HOH A . 
D 4 HOH 25 37 39  HOH HOH A . 
D 4 HOH 26 38 43  HOH HOH A . 
D 4 HOH 27 39 44  HOH HOH A . 
D 4 HOH 28 40 47  HOH HOH A . 
D 4 HOH 29 41 51  HOH HOH A . 
D 4 HOH 30 42 52  HOH HOH A . 
D 4 HOH 31 43 53  HOH HOH A . 
D 4 HOH 32 44 55  HOH HOH A . 
D 4 HOH 33 45 56  HOH HOH A . 
D 4 HOH 34 46 57  HOH HOH A . 
D 4 HOH 35 47 58  HOH HOH A . 
D 4 HOH 36 48 59  HOH HOH A . 
D 4 HOH 37 49 65  HOH HOH A . 
D 4 HOH 38 50 67  HOH HOH A . 
D 4 HOH 39 51 73  HOH HOH A . 
D 4 HOH 40 52 80  HOH HOH A . 
D 4 HOH 41 53 86  HOH HOH A . 
D 4 HOH 42 54 88  HOH HOH A . 
D 4 HOH 43 55 89  HOH HOH A . 
D 4 HOH 44 56 90  HOH HOH A . 
D 4 HOH 45 57 93  HOH HOH A . 
D 4 HOH 46 58 95  HOH HOH A . 
D 4 HOH 47 59 97  HOH HOH A . 
D 4 HOH 48 60 98  HOH HOH A . 
D 4 HOH 49 61 99  HOH HOH A . 
D 4 HOH 50 62 100 HOH HOH A . 
D 4 HOH 51 63 102 HOH HOH A . 
D 4 HOH 52 64 106 HOH HOH A . 
D 4 HOH 53 65 107 HOH HOH A . 
D 4 HOH 54 66 113 HOH HOH A . 
D 4 HOH 55 67 114 HOH HOH A . 
D 4 HOH 56 68 115 HOH HOH A . 
D 4 HOH 57 69 49  HOH HOH A . 
E 4 HOH 1  26 2   HOH HOH B . 
E 4 HOH 2  27 3   HOH HOH B . 
E 4 HOH 3  28 6   HOH HOH B . 
E 4 HOH 4  29 7   HOH HOH B . 
E 4 HOH 5  30 2   HOH HOH B . 
E 4 HOH 6  31 3   HOH HOH B . 
E 4 HOH 7  32 4   HOH HOH B . 
E 4 HOH 8  33 5   HOH HOH B . 
E 4 HOH 9  34 7   HOH HOH B . 
E 4 HOH 10 35 10  HOH HOH B . 
E 4 HOH 11 36 12  HOH HOH B . 
E 4 HOH 12 37 13  HOH HOH B . 
E 4 HOH 13 38 14  HOH HOH B . 
E 4 HOH 14 39 17  HOH HOH B . 
E 4 HOH 15 40 24  HOH HOH B . 
E 4 HOH 16 41 27  HOH HOH B . 
E 4 HOH 17 42 29  HOH HOH B . 
E 4 HOH 18 43 30  HOH HOH B . 
E 4 HOH 19 44 32  HOH HOH B . 
E 4 HOH 20 45 36  HOH HOH B . 
E 4 HOH 21 46 40  HOH HOH B . 
E 4 HOH 22 47 41  HOH HOH B . 
E 4 HOH 23 48 42  HOH HOH B . 
E 4 HOH 24 49 45  HOH HOH B . 
E 4 HOH 25 50 46  HOH HOH B . 
E 4 HOH 26 51 48  HOH HOH B . 
E 4 HOH 27 53 50  HOH HOH B . 
E 4 HOH 28 54 54  HOH HOH B . 
E 4 HOH 29 55 60  HOH HOH B . 
E 4 HOH 30 56 61  HOH HOH B . 
E 4 HOH 31 57 62  HOH HOH B . 
E 4 HOH 32 58 63  HOH HOH B . 
E 4 HOH 33 59 66  HOH HOH B . 
E 4 HOH 34 60 68  HOH HOH B . 
E 4 HOH 35 61 69  HOH HOH B . 
E 4 HOH 36 62 70  HOH HOH B . 
E 4 HOH 37 63 71  HOH HOH B . 
E 4 HOH 38 64 72  HOH HOH B . 
E 4 HOH 39 65 74  HOH HOH B . 
E 4 HOH 40 66 75  HOH HOH B . 
E 4 HOH 41 67 76  HOH HOH B . 
E 4 HOH 42 68 77  HOH HOH B . 
E 4 HOH 43 69 78  HOH HOH B . 
E 4 HOH 44 70 79  HOH HOH B . 
E 4 HOH 45 71 81  HOH HOH B . 
E 4 HOH 46 72 82  HOH HOH B . 
E 4 HOH 47 73 83  HOH HOH B . 
E 4 HOH 48 74 84  HOH HOH B . 
E 4 HOH 49 75 85  HOH HOH B . 
E 4 HOH 50 76 87  HOH HOH B . 
E 4 HOH 51 77 91  HOH HOH B . 
E 4 HOH 52 78 92  HOH HOH B . 
E 4 HOH 53 79 94  HOH HOH B . 
E 4 HOH 54 80 96  HOH HOH B . 
E 4 HOH 55 81 101 HOH HOH B . 
E 4 HOH 56 82 104 HOH HOH B . 
E 4 HOH 57 83 105 HOH HOH B . 
E 4 HOH 58 84 108 HOH HOH B . 
E 4 HOH 59 85 110 HOH HOH B . 
E 4 HOH 60 86 111 HOH HOH B . 
E 4 HOH 61 87 112 HOH HOH B . 
E 4 HOH 62 88 116 HOH HOH B . 
E 4 HOH 63 89 117 HOH HOH B . 
E 4 HOH 64 90 118 HOH HOH B . 
E 4 HOH 65 91 119 HOH HOH B . 
# 
loop_
_software.name 
_software.classification 
_software.version 
_software.citation_id 
_software.pdbx_ordinal 
CBASS    'data collection' . ? 1 
CNS      refinement        . ? 2 
HKL-2000 'data reduction'  . ? 3 
HKL-2000 'data scaling'    . ? 4 
CNS      phasing           . ? 5 
# 
_cell.entry_id           3CGS 
_cell.length_a           31.19 
_cell.length_b           38.28 
_cell.length_c           32.08 
_cell.angle_alpha        90.00 
_cell.angle_beta         108.23 
_cell.angle_gamma        90.00 
_cell.Z_PDB              2 
_cell.pdbx_unique_axis   ? 
_cell.length_a_esd       ? 
_cell.length_b_esd       ? 
_cell.length_c_esd       ? 
_cell.angle_alpha_esd    ? 
_cell.angle_beta_esd     ? 
_cell.angle_gamma_esd    ? 
# 
_symmetry.entry_id                         3CGS 
_symmetry.space_group_name_H-M             'P 1 21 1' 
_symmetry.pdbx_full_space_group_name_H-M   ? 
_symmetry.cell_setting                     ? 
_symmetry.Int_Tables_number                4 
_symmetry.space_group_name_Hall            ? 
# 
_exptl.entry_id          3CGS 
_exptl.method            'X-RAY DIFFRACTION' 
_exptl.crystals_number   1 
# 
_exptl_crystal.id                    1 
_exptl_crystal.density_meas          ? 
_exptl_crystal.density_Matthews      2.27 
_exptl_crystal.density_percent_sol   45.90 
_exptl_crystal.description           ? 
_exptl_crystal.F_000                 ? 
_exptl_crystal.preparation           ? 
# 
_exptl_crystal_grow.crystal_id      1 
_exptl_crystal_grow.method          'VAPOR DIFFUSION, HANGING DROP' 
_exptl_crystal_grow.temp            298.0 
_exptl_crystal_grow.temp_details    ? 
_exptl_crystal_grow.pH              6.5 
_exptl_crystal_grow.pdbx_details    '15% MPD, 0.2M magnesium acetate, pH 6.5, VAPOR DIFFUSION, HANGING DROP, temperature 298.0K' 
_exptl_crystal_grow.pdbx_pH_range   . 
# 
loop_
_exptl_crystal_grow_comp.crystal_id 
_exptl_crystal_grow_comp.id 
_exptl_crystal_grow_comp.sol_id 
_exptl_crystal_grow_comp.name 
_exptl_crystal_grow_comp.volume 
_exptl_crystal_grow_comp.conc 
_exptl_crystal_grow_comp.details 
1 1 1 MPD                 ? ? ? 
1 2 1 'magnesium acetate' ? ? ? 
1 3 2 MPD                 ? ? ? 
1 4 2 'magnesium acetate' ? ? ? 
# 
_diffrn.id                     1 
_diffrn.ambient_temp           100 
_diffrn.ambient_temp_details   ? 
_diffrn.crystal_id             1 
# 
_diffrn_detector.diffrn_id              1 
_diffrn_detector.detector               CCD 
_diffrn_detector.type                   'ADSC QUANTUM 210' 
_diffrn_detector.pdbx_collection_date   2007-06-21 
_diffrn_detector.details                ? 
# 
_diffrn_radiation.diffrn_id                        1 
_diffrn_radiation.wavelength_id                    1 
_diffrn_radiation.pdbx_monochromatic_or_laue_m_l   M 
_diffrn_radiation.monochromator                    ? 
_diffrn_radiation.pdbx_diffrn_protocol             'SINGLE WAVELENGTH' 
_diffrn_radiation.pdbx_scattering_type             x-ray 
# 
_diffrn_radiation_wavelength.id           1 
_diffrn_radiation_wavelength.wavelength   0.98 
_diffrn_radiation_wavelength.wt           1.0 
# 
_diffrn_source.diffrn_id                   1 
_diffrn_source.source                      SYNCHROTRON 
_diffrn_source.type                        'CHESS BEAMLINE A1' 
_diffrn_source.pdbx_synchrotron_site       CHESS 
_diffrn_source.pdbx_synchrotron_beamline   A1 
_diffrn_source.pdbx_wavelength             ? 
_diffrn_source.pdbx_wavelength_list        0.98 
# 
_reflns.entry_id                     3CGS 
_reflns.observed_criterion_sigma_F   0 
_reflns.observed_criterion_sigma_I   0 
_reflns.d_resolution_high            1.65 
_reflns.d_resolution_low             20.0 
_reflns.number_all                   8753 
_reflns.number_obs                   8752 
_reflns.percent_possible_obs         99.5 
_reflns.pdbx_Rmerge_I_obs            ? 
_reflns.pdbx_Rsym_value              0.056 
_reflns.pdbx_netI_over_sigmaI        35.2 
_reflns.B_iso_Wilson_estimate        ? 
_reflns.pdbx_redundancy              6.4 
_reflns.R_free_details               ? 
_reflns.pdbx_chi_squared             ? 
_reflns.pdbx_scaling_rejects         ? 
_reflns.pdbx_diffrn_id               1 
_reflns.pdbx_ordinal                 1 
# 
_reflns_shell.d_res_high             1.65 
_reflns_shell.d_res_low              1.71 
_reflns_shell.percent_possible_all   97.5 
_reflns_shell.Rmerge_I_obs           ? 
_reflns_shell.pdbx_Rsym_value        0.243 
_reflns_shell.meanI_over_sigI_obs    9.1 
_reflns_shell.pdbx_redundancy        4.6 
_reflns_shell.percent_possible_obs   ? 
_reflns_shell.number_unique_all      ? 
_reflns_shell.number_measured_all    ? 
_reflns_shell.number_measured_obs    ? 
_reflns_shell.number_unique_obs      ? 
_reflns_shell.pdbx_chi_squared       ? 
_reflns_shell.pdbx_diffrn_id         ? 
_reflns_shell.pdbx_ordinal           1 
# 
_refine.entry_id                                 3CGS 
_refine.ls_d_res_high                            1.65 
_refine.ls_d_res_low                             20.0 
_refine.pdbx_ls_sigma_F                          0 
_refine.pdbx_ls_sigma_I                          0 
_refine.ls_number_reflns_all                     8752 
_refine.ls_number_reflns_obs                     8581 
_refine.ls_number_reflns_R_free                  636 
_refine.ls_percent_reflns_obs                    99.5 
_refine.ls_R_factor_all                          0.2335 
_refine.ls_R_factor_obs                          0.2335 
_refine.ls_R_factor_R_work                       0.2273 
_refine.ls_R_factor_R_free                       0.2522 
_refine.ls_redundancy_reflns_obs                 ? 
_refine.pdbx_data_cutoff_high_absF               ? 
_refine.pdbx_data_cutoff_low_absF                ? 
_refine.ls_number_parameters                     ? 
_refine.ls_number_restraints                     ? 
_refine.ls_percent_reflns_R_free                 ? 
_refine.ls_R_factor_R_free_error                 ? 
_refine.ls_R_factor_R_free_error_details         ? 
_refine.pdbx_method_to_determine_struct          'MOLECULAR REPLACEMENT' 
_refine.pdbx_starting_model                      'our previously solved RNA duplex structure' 
_refine.pdbx_ls_cross_valid_method               THROUGHOUT 
_refine.pdbx_R_Free_selection_details            random 
_refine.pdbx_stereochem_target_val_spec_case     ? 
_refine.pdbx_stereochemistry_target_values       'Engh & Huber' 
_refine.solvent_model_details                    ? 
_refine.solvent_model_param_bsol                 ? 
_refine.solvent_model_param_ksol                 ? 
_refine.occupancy_max                            ? 
_refine.occupancy_min                            ? 
_refine.pdbx_isotropic_thermal_model             ? 
_refine.B_iso_mean                               33.2 
_refine.aniso_B[1][1]                            ? 
_refine.aniso_B[1][2]                            ? 
_refine.aniso_B[1][3]                            ? 
_refine.aniso_B[2][2]                            ? 
_refine.aniso_B[2][3]                            ? 
_refine.aniso_B[3][3]                            ? 
_refine.details                                  ? 
_refine.correlation_coeff_Fo_to_Fc               ? 
_refine.correlation_coeff_Fo_to_Fc_free          ? 
_refine.pdbx_solvent_vdw_probe_radii             ? 
_refine.pdbx_solvent_ion_probe_radii             ? 
_refine.pdbx_solvent_shrinkage_radii             ? 
_refine.overall_SU_R_Cruickshank_DPI             ? 
_refine.overall_SU_R_free                        ? 
_refine.overall_SU_ML                            ? 
_refine.overall_SU_B                             ? 
_refine.pdbx_overall_ESU_R_Free                  ? 
_refine.pdbx_data_cutoff_high_rms_absF           ? 
_refine.pdbx_overall_ESU_R                       ? 
_refine.ls_wR_factor_R_free                      ? 
_refine.ls_wR_factor_R_work                      ? 
_refine.overall_FOM_free_R_set                   ? 
_refine.overall_FOM_work_R_set                   ? 
_refine.pdbx_overall_phase_error                 ? 
_refine.pdbx_refine_id                           'X-RAY DIFFRACTION' 
_refine.pdbx_diffrn_id                           1 
_refine.pdbx_TLS_residual_ADP_flag               ? 
_refine.pdbx_overall_SU_R_free_Cruickshank_DPI   ? 
_refine.pdbx_overall_SU_R_Blow_DPI               ? 
_refine.pdbx_overall_SU_R_free_Blow_DPI          ? 
# 
_refine_analyze.entry_id                        3CGS 
_refine_analyze.Luzzati_coordinate_error_obs    0.25 
_refine_analyze.Luzzati_sigma_a_obs             0.23 
_refine_analyze.Luzzati_d_res_low_obs           5.0 
_refine_analyze.Luzzati_coordinate_error_free   ? 
_refine_analyze.Luzzati_sigma_a_free            ? 
_refine_analyze.Luzzati_d_res_low_free          ? 
_refine_analyze.number_disordered_residues      ? 
_refine_analyze.occupancy_sum_non_hydrogen      ? 
_refine_analyze.occupancy_sum_hydrogen          ? 
_refine_analyze.pdbx_refine_id                  'X-RAY DIFFRACTION' 
# 
_refine_hist.pdbx_refine_id                   'X-RAY DIFFRACTION' 
_refine_hist.cycle_id                         LAST 
_refine_hist.pdbx_number_atoms_protein        0 
_refine_hist.pdbx_number_atoms_nucleic_acid   529 
_refine_hist.pdbx_number_atoms_ligand         1 
_refine_hist.number_atoms_solvent             122 
_refine_hist.number_atoms_total               652 
_refine_hist.d_res_high                       1.65 
_refine_hist.d_res_low                        20.0 
# 
loop_
_refine_ls_restr.type 
_refine_ls_restr.dev_ideal 
_refine_ls_restr.dev_ideal_target 
_refine_ls_restr.weight 
_refine_ls_restr.number 
_refine_ls_restr.pdbx_refine_id 
_refine_ls_restr.pdbx_restraint_function 
c_bond_d    0.004 ? ? ? 'X-RAY DIFFRACTION' ? 
c_angle_deg 1.02  ? ? ? 'X-RAY DIFFRACTION' ? 
# 
_struct.entry_id                  3CGS 
_struct.title                     
'X-ray structure containing the pseudouridylated U2 snRNA and mammalian intron branch site consensus sequences' 
_struct.pdbx_model_details        ? 
_struct.pdbx_CASP_flag            ? 
_struct.pdbx_model_type_details   ? 
# 
_struct_keywords.entry_id        3CGS 
_struct_keywords.pdbx_keywords   RNA 
_struct_keywords.text            'RNA double helix, Branchpoint sequence, BPS, U2 snRNA, pseudouridine, pre-mRNA splicing, RNA' 
# 
loop_
_struct_asym.id 
_struct_asym.pdbx_blank_PDB_chainid_flag 
_struct_asym.pdbx_modified 
_struct_asym.entity_id 
_struct_asym.details 
A N N 1 ? 
B N N 2 ? 
C N N 3 ? 
D N N 4 ? 
E N N 4 ? 
# 
loop_
_struct_ref.entity_id 
_struct_ref.pdbx_db_accession 
_struct_ref.db_code 
_struct_ref.db_name 
_struct_ref.id 
_struct_ref.pdbx_align_begin 
_struct_ref.pdbx_seq_one_letter_code 
_struct_ref.pdbx_db_isoform 
1 3CGS 3CGS PDB 1 1 GCGCGUAGUAGC  ? 
2 3CGS 3CGS PDB 2 1 CGCUACUGACGCG ? 
# 
loop_
_struct_ref_seq.align_id 
_struct_ref_seq.ref_id 
_struct_ref_seq.pdbx_PDB_id_code 
_struct_ref_seq.pdbx_strand_id 
_struct_ref_seq.seq_align_beg 
_struct_ref_seq.pdbx_seq_align_beg_ins_code 
_struct_ref_seq.seq_align_end 
_struct_ref_seq.pdbx_seq_align_end_ins_code 
_struct_ref_seq.pdbx_db_accession 
_struct_ref_seq.db_align_beg 
_struct_ref_seq.pdbx_db_align_beg_ins_code 
_struct_ref_seq.db_align_end 
_struct_ref_seq.pdbx_db_align_end_ins_code 
_struct_ref_seq.pdbx_auth_seq_align_beg 
_struct_ref_seq.pdbx_auth_seq_align_end 
1 1 3CGS A 1 ? 12 ? 3CGS 1  ? 12 ? 1  12 
2 2 3CGS B 1 ? 13 ? 3CGS 13 ? 25 ? 13 25 
# 
_pdbx_struct_assembly.id                   1 
_pdbx_struct_assembly.details              author_and_software_defined_assembly 
_pdbx_struct_assembly.method_details       PISA 
_pdbx_struct_assembly.oligomeric_details   dimeric 
_pdbx_struct_assembly.oligomeric_count     2 
# 
loop_
_pdbx_struct_assembly_prop.biol_id 
_pdbx_struct_assembly_prop.type 
_pdbx_struct_assembly_prop.value 
_pdbx_struct_assembly_prop.details 
1 'ABSA (A^2)' 1740 ? 
1 MORE         -2.7 ? 
1 'SSA (A^2)'  4860 ? 
# 
_pdbx_struct_assembly_gen.assembly_id       1 
_pdbx_struct_assembly_gen.oper_expression   1 
_pdbx_struct_assembly_gen.asym_id_list      A,B,C,D,E 
# 
_pdbx_struct_oper_list.id                   1 
_pdbx_struct_oper_list.type                 'identity operation' 
_pdbx_struct_oper_list.name                 1_555 
_pdbx_struct_oper_list.symmetry_operation   x,y,z 
_pdbx_struct_oper_list.matrix[1][1]         1.0000000000 
_pdbx_struct_oper_list.matrix[1][2]         0.0000000000 
_pdbx_struct_oper_list.matrix[1][3]         0.0000000000 
_pdbx_struct_oper_list.vector[1]            0.0000000000 
_pdbx_struct_oper_list.matrix[2][1]         0.0000000000 
_pdbx_struct_oper_list.matrix[2][2]         1.0000000000 
_pdbx_struct_oper_list.matrix[2][3]         0.0000000000 
_pdbx_struct_oper_list.vector[2]            0.0000000000 
_pdbx_struct_oper_list.matrix[3][1]         0.0000000000 
_pdbx_struct_oper_list.matrix[3][2]         0.0000000000 
_pdbx_struct_oper_list.matrix[3][3]         1.0000000000 
_pdbx_struct_oper_list.vector[3]            0.0000000000 
# 
_struct_biol.id        1 
_struct_biol.details   ? 
# 
loop_
_struct_conn.id 
_struct_conn.conn_type_id 
_struct_conn.pdbx_leaving_atom_flag 
_struct_conn.pdbx_PDB_id 
_struct_conn.ptnr1_label_asym_id 
_struct_conn.ptnr1_label_comp_id 
_struct_conn.ptnr1_label_seq_id 
_struct_conn.ptnr1_label_atom_id 
_struct_conn.pdbx_ptnr1_label_alt_id 
_struct_conn.pdbx_ptnr1_PDB_ins_code 
_struct_conn.pdbx_ptnr1_standard_comp_id 
_struct_conn.ptnr1_symmetry 
_struct_conn.ptnr2_label_asym_id 
_struct_conn.ptnr2_label_comp_id 
_struct_conn.ptnr2_label_seq_id 
_struct_conn.ptnr2_label_atom_id 
_struct_conn.pdbx_ptnr2_label_alt_id 
_struct_conn.pdbx_ptnr2_PDB_ins_code 
_struct_conn.ptnr1_auth_asym_id 
_struct_conn.ptnr1_auth_comp_id 
_struct_conn.ptnr1_auth_seq_id 
_struct_conn.ptnr2_auth_asym_id 
_struct_conn.ptnr2_auth_comp_id 
_struct_conn.ptnr2_auth_seq_id 
_struct_conn.ptnr2_symmetry 
_struct_conn.pdbx_ptnr3_label_atom_id 
_struct_conn.pdbx_ptnr3_label_seq_id 
_struct_conn.pdbx_ptnr3_label_comp_id 
_struct_conn.pdbx_ptnr3_label_asym_id 
_struct_conn.pdbx_ptnr3_label_alt_id 
_struct_conn.pdbx_ptnr3_PDB_ins_code 
_struct_conn.details 
_struct_conn.pdbx_dist_value 
_struct_conn.pdbx_value_order 
_struct_conn.pdbx_role 
covale1  covale both ? A G   5  "O3'" ? ? ? 1_555 A PSU 6  P  ? ? A G   5  A PSU 6  1_555 ? ? ? ? ? ? ?            1.617 ? ? 
covale2  covale both ? A PSU 6  "O3'" ? ? ? 1_555 A A   7  P  ? ? A PSU 6  A A   7  1_555 ? ? ? ? ? ? ?            1.611 ? ? 
metalc1  metalc ?    ? D HOH .  O     ? ? ? 1_555 C MG  .  MG ? ? A HOH 13 B MG  1  1_555 ? ? ? ? ? ? ?            2.180 ? ? 
metalc2  metalc ?    ? D HOH .  O     ? ? ? 1_555 C MG  .  MG ? ? A HOH 14 B MG  1  1_555 ? ? ? ? ? ? ?            2.156 ? ? 
metalc3  metalc ?    ? C MG  .  MG    ? ? ? 1_555 E HOH .  O  ? ? B MG  1  B HOH 26 1_555 ? ? ? ? ? ? ?            2.104 ? ? 
metalc4  metalc ?    ? C MG  .  MG    ? ? ? 1_555 E HOH .  O  ? ? B MG  1  B HOH 27 1_555 ? ? ? ? ? ? ?            2.261 ? ? 
metalc5  metalc ?    ? C MG  .  MG    ? ? ? 1_555 E HOH .  O  ? ? B MG  1  B HOH 28 1_555 ? ? ? ? ? ? ?            2.023 ? ? 
metalc6  metalc ?    ? C MG  .  MG    ? ? ? 1_555 E HOH .  O  ? ? B MG  1  B HOH 29 1_555 ? ? ? ? ? ? ?            2.084 ? ? 
hydrog1  hydrog ?    ? A C   2  N3    ? ? ? 1_555 B G   13 N1 ? ? A C   2  B G   25 1_555 ? ? ? ? ? ? WATSON-CRICK ?     ? ? 
hydrog2  hydrog ?    ? A C   2  N4    ? ? ? 1_555 B G   13 O6 ? ? A C   2  B G   25 1_555 ? ? ? ? ? ? WATSON-CRICK ?     ? ? 
hydrog3  hydrog ?    ? A C   2  O2    ? ? ? 1_555 B G   13 N2 ? ? A C   2  B G   25 1_555 ? ? ? ? ? ? WATSON-CRICK ?     ? ? 
hydrog4  hydrog ?    ? A G   3  N1    ? ? ? 1_555 B C   12 N3 ? ? A G   3  B C   24 1_555 ? ? ? ? ? ? WATSON-CRICK ?     ? ? 
hydrog5  hydrog ?    ? A G   3  N2    ? ? ? 1_555 B C   12 O2 ? ? A G   3  B C   24 1_555 ? ? ? ? ? ? WATSON-CRICK ?     ? ? 
hydrog6  hydrog ?    ? A G   3  O6    ? ? ? 1_555 B C   12 N4 ? ? A G   3  B C   24 1_555 ? ? ? ? ? ? WATSON-CRICK ?     ? ? 
hydrog7  hydrog ?    ? A C   4  N3    ? ? ? 1_555 B G   11 N1 ? ? A C   4  B G   23 1_555 ? ? ? ? ? ? WATSON-CRICK ?     ? ? 
hydrog8  hydrog ?    ? A C   4  N4    ? ? ? 1_555 B G   11 O6 ? ? A C   4  B G   23 1_555 ? ? ? ? ? ? WATSON-CRICK ?     ? ? 
hydrog9  hydrog ?    ? A C   4  O2    ? ? ? 1_555 B G   11 N2 ? ? A C   4  B G   23 1_555 ? ? ? ? ? ? WATSON-CRICK ?     ? ? 
hydrog10 hydrog ?    ? A G   5  N1    ? ? ? 1_555 B C   10 N3 ? ? A G   5  B C   22 1_555 ? ? ? ? ? ? WATSON-CRICK ?     ? ? 
hydrog11 hydrog ?    ? A G   5  N2    ? ? ? 1_555 B C   10 O2 ? ? A G   5  B C   22 1_555 ? ? ? ? ? ? WATSON-CRICK ?     ? ? 
hydrog12 hydrog ?    ? A G   5  O6    ? ? ? 1_555 B C   10 N4 ? ? A G   5  B C   22 1_555 ? ? ? ? ? ? WATSON-CRICK ?     ? ? 
hydrog13 hydrog ?    ? A PSU 6  N3    ? ? ? 1_555 B G   8  O6 ? ? A PSU 6  B G   20 1_555 ? ? ? ? ? ? TYPE_27_PAIR ?     ? ? 
hydrog14 hydrog ?    ? A PSU 6  O4    ? ? ? 1_555 B G   8  N1 ? ? A PSU 6  B G   20 1_555 ? ? ? ? ? ? TYPE_27_PAIR ?     ? ? 
hydrog15 hydrog ?    ? A A   7  N1    ? ? ? 1_555 B U   7  N3 ? ? A A   7  B U   19 1_555 ? ? ? ? ? ? WATSON-CRICK ?     ? ? 
hydrog16 hydrog ?    ? A A   7  N6    ? ? ? 1_555 B U   7  O4 ? ? A A   7  B U   19 1_555 ? ? ? ? ? ? WATSON-CRICK ?     ? ? 
hydrog17 hydrog ?    ? A G   8  N1    ? ? ? 1_555 B C   6  N3 ? ? A G   8  B C   18 1_555 ? ? ? ? ? ? WATSON-CRICK ?     ? ? 
hydrog18 hydrog ?    ? A G   8  N2    ? ? ? 1_555 B C   6  O2 ? ? A G   8  B C   18 1_555 ? ? ? ? ? ? WATSON-CRICK ?     ? ? 
hydrog19 hydrog ?    ? A G   8  O6    ? ? ? 1_555 B C   6  N4 ? ? A G   8  B C   18 1_555 ? ? ? ? ? ? WATSON-CRICK ?     ? ? 
hydrog20 hydrog ?    ? A U   9  N3    ? ? ? 1_555 B A   5  N1 ? ? A U   9  B A   17 1_555 ? ? ? ? ? ? WATSON-CRICK ?     ? ? 
hydrog21 hydrog ?    ? A U   9  O4    ? ? ? 1_555 B A   5  N6 ? ? A U   9  B A   17 1_555 ? ? ? ? ? ? WATSON-CRICK ?     ? ? 
hydrog22 hydrog ?    ? A A   10 N1    ? ? ? 1_555 B U   4  N3 ? ? A A   10 B U   16 1_555 ? ? ? ? ? ? WATSON-CRICK ?     ? ? 
hydrog23 hydrog ?    ? A A   10 N6    ? ? ? 1_555 B U   4  O4 ? ? A A   10 B U   16 1_555 ? ? ? ? ? ? WATSON-CRICK ?     ? ? 
hydrog24 hydrog ?    ? A G   11 N1    ? ? ? 1_555 B C   3  N3 ? ? A G   11 B C   15 1_555 ? ? ? ? ? ? WATSON-CRICK ?     ? ? 
hydrog25 hydrog ?    ? A G   11 N2    ? ? ? 1_555 B C   3  O2 ? ? A G   11 B C   15 1_555 ? ? ? ? ? ? WATSON-CRICK ?     ? ? 
hydrog26 hydrog ?    ? A G   11 O6    ? ? ? 1_555 B C   3  N4 ? ? A G   11 B C   15 1_555 ? ? ? ? ? ? WATSON-CRICK ?     ? ? 
hydrog27 hydrog ?    ? A C   12 N3    ? ? ? 1_555 B G   2  N1 ? ? A C   12 B G   14 1_555 ? ? ? ? ? ? WATSON-CRICK ?     ? ? 
hydrog28 hydrog ?    ? A C   12 N4    ? ? ? 1_555 B G   2  O6 ? ? A C   12 B G   14 1_555 ? ? ? ? ? ? WATSON-CRICK ?     ? ? 
hydrog29 hydrog ?    ? A C   12 O2    ? ? ? 1_555 B G   2  N2 ? ? A C   12 B G   14 1_555 ? ? ? ? ? ? WATSON-CRICK ?     ? ? 
# 
loop_
_struct_conn_type.id 
_struct_conn_type.criteria 
_struct_conn_type.reference 
covale ? ? 
metalc ? ? 
hydrog ? ? 
# 
loop_
_pdbx_struct_conn_angle.id 
_pdbx_struct_conn_angle.ptnr1_label_atom_id 
_pdbx_struct_conn_angle.ptnr1_label_alt_id 
_pdbx_struct_conn_angle.ptnr1_label_asym_id 
_pdbx_struct_conn_angle.ptnr1_label_comp_id 
_pdbx_struct_conn_angle.ptnr1_label_seq_id 
_pdbx_struct_conn_angle.ptnr1_auth_atom_id 
_pdbx_struct_conn_angle.ptnr1_auth_asym_id 
_pdbx_struct_conn_angle.ptnr1_auth_comp_id 
_pdbx_struct_conn_angle.ptnr1_auth_seq_id 
_pdbx_struct_conn_angle.ptnr1_PDB_ins_code 
_pdbx_struct_conn_angle.ptnr1_symmetry 
_pdbx_struct_conn_angle.ptnr2_label_atom_id 
_pdbx_struct_conn_angle.ptnr2_label_alt_id 
_pdbx_struct_conn_angle.ptnr2_label_asym_id 
_pdbx_struct_conn_angle.ptnr2_label_comp_id 
_pdbx_struct_conn_angle.ptnr2_label_seq_id 
_pdbx_struct_conn_angle.ptnr2_auth_atom_id 
_pdbx_struct_conn_angle.ptnr2_auth_asym_id 
_pdbx_struct_conn_angle.ptnr2_auth_comp_id 
_pdbx_struct_conn_angle.ptnr2_auth_seq_id 
_pdbx_struct_conn_angle.ptnr2_PDB_ins_code 
_pdbx_struct_conn_angle.ptnr2_symmetry 
_pdbx_struct_conn_angle.ptnr3_label_atom_id 
_pdbx_struct_conn_angle.ptnr3_label_alt_id 
_pdbx_struct_conn_angle.ptnr3_label_asym_id 
_pdbx_struct_conn_angle.ptnr3_label_comp_id 
_pdbx_struct_conn_angle.ptnr3_label_seq_id 
_pdbx_struct_conn_angle.ptnr3_auth_atom_id 
_pdbx_struct_conn_angle.ptnr3_auth_asym_id 
_pdbx_struct_conn_angle.ptnr3_auth_comp_id 
_pdbx_struct_conn_angle.ptnr3_auth_seq_id 
_pdbx_struct_conn_angle.ptnr3_PDB_ins_code 
_pdbx_struct_conn_angle.ptnr3_symmetry 
_pdbx_struct_conn_angle.value 
_pdbx_struct_conn_angle.value_esd 
1  O ? D HOH . ? A HOH 13 ? 1_555 MG ? C MG . ? B MG 1 ? 1_555 O ? D HOH . ? A HOH 14 ? 1_555 83.2  ? 
2  O ? D HOH . ? A HOH 13 ? 1_555 MG ? C MG . ? B MG 1 ? 1_555 O ? E HOH . ? B HOH 26 ? 1_555 92.9  ? 
3  O ? D HOH . ? A HOH 14 ? 1_555 MG ? C MG . ? B MG 1 ? 1_555 O ? E HOH . ? B HOH 26 ? 1_555 174.1 ? 
4  O ? D HOH . ? A HOH 13 ? 1_555 MG ? C MG . ? B MG 1 ? 1_555 O ? E HOH . ? B HOH 27 ? 1_555 90.0  ? 
5  O ? D HOH . ? A HOH 14 ? 1_555 MG ? C MG . ? B MG 1 ? 1_555 O ? E HOH . ? B HOH 27 ? 1_555 87.2  ? 
6  O ? E HOH . ? B HOH 26 ? 1_555 MG ? C MG . ? B MG 1 ? 1_555 O ? E HOH . ? B HOH 27 ? 1_555 97.2  ? 
7  O ? D HOH . ? A HOH 13 ? 1_555 MG ? C MG . ? B MG 1 ? 1_555 O ? E HOH . ? B HOH 28 ? 1_555 97.1  ? 
8  O ? D HOH . ? A HOH 14 ? 1_555 MG ? C MG . ? B MG 1 ? 1_555 O ? E HOH . ? B HOH 28 ? 1_555 87.9  ? 
9  O ? E HOH . ? B HOH 26 ? 1_555 MG ? C MG . ? B MG 1 ? 1_555 O ? E HOH . ? B HOH 28 ? 1_555 88.2  ? 
10 O ? E HOH . ? B HOH 27 ? 1_555 MG ? C MG . ? B MG 1 ? 1_555 O ? E HOH . ? B HOH 28 ? 1_555 170.9 ? 
11 O ? D HOH . ? A HOH 13 ? 1_555 MG ? C MG . ? B MG 1 ? 1_555 O ? E HOH . ? B HOH 29 ? 1_555 171.1 ? 
12 O ? D HOH . ? A HOH 14 ? 1_555 MG ? C MG . ? B MG 1 ? 1_555 O ? E HOH . ? B HOH 29 ? 1_555 88.2  ? 
13 O ? E HOH . ? B HOH 26 ? 1_555 MG ? C MG . ? B MG 1 ? 1_555 O ? E HOH . ? B HOH 29 ? 1_555 95.5  ? 
14 O ? E HOH . ? B HOH 27 ? 1_555 MG ? C MG . ? B MG 1 ? 1_555 O ? E HOH . ? B HOH 29 ? 1_555 91.8  ? 
15 O ? E HOH . ? B HOH 28 ? 1_555 MG ? C MG . ? B MG 1 ? 1_555 O ? E HOH . ? B HOH 29 ? 1_555 80.3  ? 
# 
_struct_site.id                   AC1 
_struct_site.pdbx_evidence_code   Software 
_struct_site.pdbx_auth_asym_id    B 
_struct_site.pdbx_auth_comp_id    MG 
_struct_site.pdbx_auth_seq_id     1 
_struct_site.pdbx_auth_ins_code   ? 
_struct_site.pdbx_num_residues    6 
_struct_site.details              'BINDING SITE FOR RESIDUE MG B 1' 
# 
loop_
_struct_site_gen.id 
_struct_site_gen.site_id 
_struct_site_gen.pdbx_num_res 
_struct_site_gen.label_comp_id 
_struct_site_gen.label_asym_id 
_struct_site_gen.label_seq_id 
_struct_site_gen.pdbx_auth_ins_code 
_struct_site_gen.auth_comp_id 
_struct_site_gen.auth_asym_id 
_struct_site_gen.auth_seq_id 
_struct_site_gen.label_atom_id 
_struct_site_gen.label_alt_id 
_struct_site_gen.symmetry 
_struct_site_gen.details 
1 AC1 6 HOH D . ? HOH A 13 . ? 1_555 ? 
2 AC1 6 HOH D . ? HOH A 14 . ? 1_555 ? 
3 AC1 6 HOH E . ? HOH B 26 . ? 1_555 ? 
4 AC1 6 HOH E . ? HOH B 27 . ? 1_555 ? 
5 AC1 6 HOH E . ? HOH B 28 . ? 1_555 ? 
6 AC1 6 HOH E . ? HOH B 29 . ? 1_555 ? 
# 
_pdbx_struct_mod_residue.id               1 
_pdbx_struct_mod_residue.label_asym_id    A 
_pdbx_struct_mod_residue.label_comp_id    PSU 
_pdbx_struct_mod_residue.label_seq_id     6 
_pdbx_struct_mod_residue.auth_asym_id     A 
_pdbx_struct_mod_residue.auth_comp_id     PSU 
_pdbx_struct_mod_residue.auth_seq_id      6 
_pdbx_struct_mod_residue.PDB_ins_code     ? 
_pdbx_struct_mod_residue.parent_comp_id   U 
_pdbx_struct_mod_residue.details          "PSEUDOURIDINE-5'-MONOPHOSPHATE" 
# 
loop_
_chem_comp_atom.comp_id 
_chem_comp_atom.atom_id 
_chem_comp_atom.type_symbol 
_chem_comp_atom.pdbx_aromatic_flag 
_chem_comp_atom.pdbx_stereo_config 
_chem_comp_atom.pdbx_ordinal 
A   OP3    O  N N 1   
A   P      P  N N 2   
A   OP1    O  N N 3   
A   OP2    O  N N 4   
A   "O5'"  O  N N 5   
A   "C5'"  C  N N 6   
A   "C4'"  C  N R 7   
A   "O4'"  O  N N 8   
A   "C3'"  C  N S 9   
A   "O3'"  O  N N 10  
A   "C2'"  C  N R 11  
A   "O2'"  O  N N 12  
A   "C1'"  C  N R 13  
A   N9     N  Y N 14  
A   C8     C  Y N 15  
A   N7     N  Y N 16  
A   C5     C  Y N 17  
A   C6     C  Y N 18  
A   N6     N  N N 19  
A   N1     N  Y N 20  
A   C2     C  Y N 21  
A   N3     N  Y N 22  
A   C4     C  Y N 23  
A   HOP3   H  N N 24  
A   HOP2   H  N N 25  
A   "H5'"  H  N N 26  
A   "H5''" H  N N 27  
A   "H4'"  H  N N 28  
A   "H3'"  H  N N 29  
A   "HO3'" H  N N 30  
A   "H2'"  H  N N 31  
A   "HO2'" H  N N 32  
A   "H1'"  H  N N 33  
A   H8     H  N N 34  
A   H61    H  N N 35  
A   H62    H  N N 36  
A   H2     H  N N 37  
C   OP3    O  N N 38  
C   P      P  N N 39  
C   OP1    O  N N 40  
C   OP2    O  N N 41  
C   "O5'"  O  N N 42  
C   "C5'"  C  N N 43  
C   "C4'"  C  N R 44  
C   "O4'"  O  N N 45  
C   "C3'"  C  N S 46  
C   "O3'"  O  N N 47  
C   "C2'"  C  N R 48  
C   "O2'"  O  N N 49  
C   "C1'"  C  N R 50  
C   N1     N  N N 51  
C   C2     C  N N 52  
C   O2     O  N N 53  
C   N3     N  N N 54  
C   C4     C  N N 55  
C   N4     N  N N 56  
C   C5     C  N N 57  
C   C6     C  N N 58  
C   HOP3   H  N N 59  
C   HOP2   H  N N 60  
C   "H5'"  H  N N 61  
C   "H5''" H  N N 62  
C   "H4'"  H  N N 63  
C   "H3'"  H  N N 64  
C   "HO3'" H  N N 65  
C   "H2'"  H  N N 66  
C   "HO2'" H  N N 67  
C   "H1'"  H  N N 68  
C   H41    H  N N 69  
C   H42    H  N N 70  
C   H5     H  N N 71  
C   H6     H  N N 72  
G   OP3    O  N N 73  
G   P      P  N N 74  
G   OP1    O  N N 75  
G   OP2    O  N N 76  
G   "O5'"  O  N N 77  
G   "C5'"  C  N N 78  
G   "C4'"  C  N R 79  
G   "O4'"  O  N N 80  
G   "C3'"  C  N S 81  
G   "O3'"  O  N N 82  
G   "C2'"  C  N R 83  
G   "O2'"  O  N N 84  
G   "C1'"  C  N R 85  
G   N9     N  Y N 86  
G   C8     C  Y N 87  
G   N7     N  Y N 88  
G   C5     C  Y N 89  
G   C6     C  N N 90  
G   O6     O  N N 91  
G   N1     N  N N 92  
G   C2     C  N N 93  
G   N2     N  N N 94  
G   N3     N  N N 95  
G   C4     C  Y N 96  
G   HOP3   H  N N 97  
G   HOP2   H  N N 98  
G   "H5'"  H  N N 99  
G   "H5''" H  N N 100 
G   "H4'"  H  N N 101 
G   "H3'"  H  N N 102 
G   "HO3'" H  N N 103 
G   "H2'"  H  N N 104 
G   "HO2'" H  N N 105 
G   "H1'"  H  N N 106 
G   H8     H  N N 107 
G   H1     H  N N 108 
G   H21    H  N N 109 
G   H22    H  N N 110 
HOH O      O  N N 111 
HOH H1     H  N N 112 
HOH H2     H  N N 113 
MG  MG     MG N N 114 
PSU N1     N  N N 115 
PSU C2     C  N N 116 
PSU N3     N  N N 117 
PSU C4     C  N N 118 
PSU C5     C  N N 119 
PSU C6     C  N N 120 
PSU O2     O  N N 121 
PSU O4     O  N N 122 
PSU "C1'"  C  N S 123 
PSU "C2'"  C  N R 124 
PSU "O2'"  O  N N 125 
PSU "C3'"  C  N S 126 
PSU "C4'"  C  N R 127 
PSU "O3'"  O  N N 128 
PSU "O4'"  O  N N 129 
PSU "C5'"  C  N N 130 
PSU "O5'"  O  N N 131 
PSU P      P  N N 132 
PSU OP1    O  N N 133 
PSU OP2    O  N N 134 
PSU OP3    O  N N 135 
PSU HN1    H  N N 136 
PSU HN3    H  N N 137 
PSU H6     H  N N 138 
PSU "H1'"  H  N N 139 
PSU "H2'"  H  N N 140 
PSU "HO2'" H  N N 141 
PSU "H3'"  H  N N 142 
PSU "H4'"  H  N N 143 
PSU "HO3'" H  N N 144 
PSU "H5'"  H  N N 145 
PSU "H5''" H  N N 146 
PSU HOP2   H  N N 147 
PSU HOP3   H  N N 148 
U   OP3    O  N N 149 
U   P      P  N N 150 
U   OP1    O  N N 151 
U   OP2    O  N N 152 
U   "O5'"  O  N N 153 
U   "C5'"  C  N N 154 
U   "C4'"  C  N R 155 
U   "O4'"  O  N N 156 
U   "C3'"  C  N S 157 
U   "O3'"  O  N N 158 
U   "C2'"  C  N R 159 
U   "O2'"  O  N N 160 
U   "C1'"  C  N R 161 
U   N1     N  N N 162 
U   C2     C  N N 163 
U   O2     O  N N 164 
U   N3     N  N N 165 
U   C4     C  N N 166 
U   O4     O  N N 167 
U   C5     C  N N 168 
U   C6     C  N N 169 
U   HOP3   H  N N 170 
U   HOP2   H  N N 171 
U   "H5'"  H  N N 172 
U   "H5''" H  N N 173 
U   "H4'"  H  N N 174 
U   "H3'"  H  N N 175 
U   "HO3'" H  N N 176 
U   "H2'"  H  N N 177 
U   "HO2'" H  N N 178 
U   "H1'"  H  N N 179 
U   H3     H  N N 180 
U   H5     H  N N 181 
U   H6     H  N N 182 
# 
loop_
_chem_comp_bond.comp_id 
_chem_comp_bond.atom_id_1 
_chem_comp_bond.atom_id_2 
_chem_comp_bond.value_order 
_chem_comp_bond.pdbx_aromatic_flag 
_chem_comp_bond.pdbx_stereo_config 
_chem_comp_bond.pdbx_ordinal 
A   OP3   P      sing N N 1   
A   OP3   HOP3   sing N N 2   
A   P     OP1    doub N N 3   
A   P     OP2    sing N N 4   
A   P     "O5'"  sing N N 5   
A   OP2   HOP2   sing N N 6   
A   "O5'" "C5'"  sing N N 7   
A   "C5'" "C4'"  sing N N 8   
A   "C5'" "H5'"  sing N N 9   
A   "C5'" "H5''" sing N N 10  
A   "C4'" "O4'"  sing N N 11  
A   "C4'" "C3'"  sing N N 12  
A   "C4'" "H4'"  sing N N 13  
A   "O4'" "C1'"  sing N N 14  
A   "C3'" "O3'"  sing N N 15  
A   "C3'" "C2'"  sing N N 16  
A   "C3'" "H3'"  sing N N 17  
A   "O3'" "HO3'" sing N N 18  
A   "C2'" "O2'"  sing N N 19  
A   "C2'" "C1'"  sing N N 20  
A   "C2'" "H2'"  sing N N 21  
A   "O2'" "HO2'" sing N N 22  
A   "C1'" N9     sing N N 23  
A   "C1'" "H1'"  sing N N 24  
A   N9    C8     sing Y N 25  
A   N9    C4     sing Y N 26  
A   C8    N7     doub Y N 27  
A   C8    H8     sing N N 28  
A   N7    C5     sing Y N 29  
A   C5    C6     sing Y N 30  
A   C5    C4     doub Y N 31  
A   C6    N6     sing N N 32  
A   C6    N1     doub Y N 33  
A   N6    H61    sing N N 34  
A   N6    H62    sing N N 35  
A   N1    C2     sing Y N 36  
A   C2    N3     doub Y N 37  
A   C2    H2     sing N N 38  
A   N3    C4     sing Y N 39  
C   OP3   P      sing N N 40  
C   OP3   HOP3   sing N N 41  
C   P     OP1    doub N N 42  
C   P     OP2    sing N N 43  
C   P     "O5'"  sing N N 44  
C   OP2   HOP2   sing N N 45  
C   "O5'" "C5'"  sing N N 46  
C   "C5'" "C4'"  sing N N 47  
C   "C5'" "H5'"  sing N N 48  
C   "C5'" "H5''" sing N N 49  
C   "C4'" "O4'"  sing N N 50  
C   "C4'" "C3'"  sing N N 51  
C   "C4'" "H4'"  sing N N 52  
C   "O4'" "C1'"  sing N N 53  
C   "C3'" "O3'"  sing N N 54  
C   "C3'" "C2'"  sing N N 55  
C   "C3'" "H3'"  sing N N 56  
C   "O3'" "HO3'" sing N N 57  
C   "C2'" "O2'"  sing N N 58  
C   "C2'" "C1'"  sing N N 59  
C   "C2'" "H2'"  sing N N 60  
C   "O2'" "HO2'" sing N N 61  
C   "C1'" N1     sing N N 62  
C   "C1'" "H1'"  sing N N 63  
C   N1    C2     sing N N 64  
C   N1    C6     sing N N 65  
C   C2    O2     doub N N 66  
C   C2    N3     sing N N 67  
C   N3    C4     doub N N 68  
C   C4    N4     sing N N 69  
C   C4    C5     sing N N 70  
C   N4    H41    sing N N 71  
C   N4    H42    sing N N 72  
C   C5    C6     doub N N 73  
C   C5    H5     sing N N 74  
C   C6    H6     sing N N 75  
G   OP3   P      sing N N 76  
G   OP3   HOP3   sing N N 77  
G   P     OP1    doub N N 78  
G   P     OP2    sing N N 79  
G   P     "O5'"  sing N N 80  
G   OP2   HOP2   sing N N 81  
G   "O5'" "C5'"  sing N N 82  
G   "C5'" "C4'"  sing N N 83  
G   "C5'" "H5'"  sing N N 84  
G   "C5'" "H5''" sing N N 85  
G   "C4'" "O4'"  sing N N 86  
G   "C4'" "C3'"  sing N N 87  
G   "C4'" "H4'"  sing N N 88  
G   "O4'" "C1'"  sing N N 89  
G   "C3'" "O3'"  sing N N 90  
G   "C3'" "C2'"  sing N N 91  
G   "C3'" "H3'"  sing N N 92  
G   "O3'" "HO3'" sing N N 93  
G   "C2'" "O2'"  sing N N 94  
G   "C2'" "C1'"  sing N N 95  
G   "C2'" "H2'"  sing N N 96  
G   "O2'" "HO2'" sing N N 97  
G   "C1'" N9     sing N N 98  
G   "C1'" "H1'"  sing N N 99  
G   N9    C8     sing Y N 100 
G   N9    C4     sing Y N 101 
G   C8    N7     doub Y N 102 
G   C8    H8     sing N N 103 
G   N7    C5     sing Y N 104 
G   C5    C6     sing N N 105 
G   C5    C4     doub Y N 106 
G   C6    O6     doub N N 107 
G   C6    N1     sing N N 108 
G   N1    C2     sing N N 109 
G   N1    H1     sing N N 110 
G   C2    N2     sing N N 111 
G   C2    N3     doub N N 112 
G   N2    H21    sing N N 113 
G   N2    H22    sing N N 114 
G   N3    C4     sing N N 115 
HOH O     H1     sing N N 116 
HOH O     H2     sing N N 117 
PSU N1    C2     sing N N 118 
PSU N1    C6     sing N N 119 
PSU N1    HN1    sing N N 120 
PSU C2    N3     sing N N 121 
PSU C2    O2     doub N N 122 
PSU N3    C4     sing N N 123 
PSU N3    HN3    sing N N 124 
PSU C4    C5     sing N N 125 
PSU C4    O4     doub N N 126 
PSU C5    C6     doub N N 127 
PSU C5    "C1'"  sing N N 128 
PSU C6    H6     sing N N 129 
PSU "C1'" "C2'"  sing N N 130 
PSU "C1'" "O4'"  sing N N 131 
PSU "C1'" "H1'"  sing N N 132 
PSU "C2'" "O2'"  sing N N 133 
PSU "C2'" "C3'"  sing N N 134 
PSU "C2'" "H2'"  sing N N 135 
PSU "O2'" "HO2'" sing N N 136 
PSU "C3'" "C4'"  sing N N 137 
PSU "C3'" "O3'"  sing N N 138 
PSU "C3'" "H3'"  sing N N 139 
PSU "C4'" "O4'"  sing N N 140 
PSU "C4'" "C5'"  sing N N 141 
PSU "C4'" "H4'"  sing N N 142 
PSU "O3'" "HO3'" sing N N 143 
PSU "C5'" "O5'"  sing N N 144 
PSU "C5'" "H5'"  sing N N 145 
PSU "C5'" "H5''" sing N N 146 
PSU "O5'" P      sing N N 147 
PSU P     OP1    doub N N 148 
PSU P     OP2    sing N N 149 
PSU P     OP3    sing N N 150 
PSU OP2   HOP2   sing N N 151 
PSU OP3   HOP3   sing N N 152 
U   OP3   P      sing N N 153 
U   OP3   HOP3   sing N N 154 
U   P     OP1    doub N N 155 
U   P     OP2    sing N N 156 
U   P     "O5'"  sing N N 157 
U   OP2   HOP2   sing N N 158 
U   "O5'" "C5'"  sing N N 159 
U   "C5'" "C4'"  sing N N 160 
U   "C5'" "H5'"  sing N N 161 
U   "C5'" "H5''" sing N N 162 
U   "C4'" "O4'"  sing N N 163 
U   "C4'" "C3'"  sing N N 164 
U   "C4'" "H4'"  sing N N 165 
U   "O4'" "C1'"  sing N N 166 
U   "C3'" "O3'"  sing N N 167 
U   "C3'" "C2'"  sing N N 168 
U   "C3'" "H3'"  sing N N 169 
U   "O3'" "HO3'" sing N N 170 
U   "C2'" "O2'"  sing N N 171 
U   "C2'" "C1'"  sing N N 172 
U   "C2'" "H2'"  sing N N 173 
U   "O2'" "HO2'" sing N N 174 
U   "C1'" N1     sing N N 175 
U   "C1'" "H1'"  sing N N 176 
U   N1    C2     sing N N 177 
U   N1    C6     sing N N 178 
U   C2    O2     doub N N 179 
U   C2    N3     sing N N 180 
U   N3    C4     sing N N 181 
U   N3    H3     sing N N 182 
U   C4    O4     doub N N 183 
U   C4    C5     sing N N 184 
U   C5    C6     doub N N 185 
U   C5    H5     sing N N 186 
U   C6    H6     sing N N 187 
# 
loop_
_ndb_struct_conf_na.entry_id 
_ndb_struct_conf_na.feature 
3CGS 'a-form double helix'  
3CGS 'mismatched base pair' 
# 
loop_
_ndb_struct_na_base_pair.model_number 
_ndb_struct_na_base_pair.i_label_asym_id 
_ndb_struct_na_base_pair.i_label_comp_id 
_ndb_struct_na_base_pair.i_label_seq_id 
_ndb_struct_na_base_pair.i_symmetry 
_ndb_struct_na_base_pair.j_label_asym_id 
_ndb_struct_na_base_pair.j_label_comp_id 
_ndb_struct_na_base_pair.j_label_seq_id 
_ndb_struct_na_base_pair.j_symmetry 
_ndb_struct_na_base_pair.shear 
_ndb_struct_na_base_pair.stretch 
_ndb_struct_na_base_pair.stagger 
_ndb_struct_na_base_pair.buckle 
_ndb_struct_na_base_pair.propeller 
_ndb_struct_na_base_pair.opening 
_ndb_struct_na_base_pair.pair_number 
_ndb_struct_na_base_pair.pair_name 
_ndb_struct_na_base_pair.i_auth_asym_id 
_ndb_struct_na_base_pair.i_auth_seq_id 
_ndb_struct_na_base_pair.i_PDB_ins_code 
_ndb_struct_na_base_pair.j_auth_asym_id 
_ndb_struct_na_base_pair.j_auth_seq_id 
_ndb_struct_na_base_pair.j_PDB_ins_code 
_ndb_struct_na_base_pair.hbond_type_28 
_ndb_struct_na_base_pair.hbond_type_12 
1 A C   2  1_555 B G 13 1_555 0.207  -0.008 -0.310 0.019   -4.730  5.382  1  A_C2:G25_B   A 2  ? B 25 ? 19 1 
1 A G   3  1_555 B C 12 1_555 -0.176 -0.020 0.105  4.713   -7.340  0.368  2  A_G3:C24_B   A 3  ? B 24 ? 19 1 
1 A C   4  1_555 B G 11 1_555 0.345  -0.007 -0.156 10.292  -13.591 3.250  3  A_C4:G23_B   A 4  ? B 23 ? 19 1 
1 A G   5  1_555 B C 10 1_555 -0.201 -0.034 -0.254 -9.721  -17.408 2.201  4  A_G5:C22_B   A 5  ? B 22 ? 19 1 
1 A PSU 6  1_555 B G 8  1_555 1.979  -0.410 0.100  -10.971 -9.384  -5.484 5  A_PSU6:G20_B A 6  ? B 20 ? 27 ? 
1 A A   7  1_555 B U 7  1_555 0.120  -0.216 0.097  -0.218  -16.415 1.391  6  A_A7:U19_B   A 7  ? B 19 ? 20 1 
1 A G   8  1_555 B C 6  1_555 -0.462 -0.043 -0.001 -3.740  -16.902 3.833  7  A_G8:C18_B   A 8  ? B 18 ? 19 1 
1 A U   9  1_555 B A 5  1_555 -0.061 -0.018 0.091  1.814   -14.679 3.994  8  A_U9:A17_B   A 9  ? B 17 ? 20 1 
1 A A   10 1_555 B U 4  1_555 -0.011 -0.039 0.124  4.173   -11.162 4.007  9  A_A10:U16_B  A 10 ? B 16 ? 20 1 
1 A G   11 1_555 B C 3  1_555 -0.239 -0.147 0.100  1.633   -9.556  -1.716 10 A_G11:C15_B  A 11 ? B 15 ? 19 1 
1 A C   12 1_555 B G 2  1_555 0.204  -0.108 -0.033 2.116   -10.448 3.145  11 A_C12:G14_B  A 12 ? B 14 ? 19 1 
# 
loop_
_ndb_struct_na_base_pair_step.model_number 
_ndb_struct_na_base_pair_step.i_label_asym_id_1 
_ndb_struct_na_base_pair_step.i_label_comp_id_1 
_ndb_struct_na_base_pair_step.i_label_seq_id_1 
_ndb_struct_na_base_pair_step.i_symmetry_1 
_ndb_struct_na_base_pair_step.j_label_asym_id_1 
_ndb_struct_na_base_pair_step.j_label_comp_id_1 
_ndb_struct_na_base_pair_step.j_label_seq_id_1 
_ndb_struct_na_base_pair_step.j_symmetry_1 
_ndb_struct_na_base_pair_step.i_label_asym_id_2 
_ndb_struct_na_base_pair_step.i_label_comp_id_2 
_ndb_struct_na_base_pair_step.i_label_seq_id_2 
_ndb_struct_na_base_pair_step.i_symmetry_2 
_ndb_struct_na_base_pair_step.j_label_asym_id_2 
_ndb_struct_na_base_pair_step.j_label_comp_id_2 
_ndb_struct_na_base_pair_step.j_label_seq_id_2 
_ndb_struct_na_base_pair_step.j_symmetry_2 
_ndb_struct_na_base_pair_step.shift 
_ndb_struct_na_base_pair_step.slide 
_ndb_struct_na_base_pair_step.rise 
_ndb_struct_na_base_pair_step.tilt 
_ndb_struct_na_base_pair_step.roll 
_ndb_struct_na_base_pair_step.twist 
_ndb_struct_na_base_pair_step.x_displacement 
_ndb_struct_na_base_pair_step.y_displacement 
_ndb_struct_na_base_pair_step.helical_rise 
_ndb_struct_na_base_pair_step.inclination 
_ndb_struct_na_base_pair_step.tip 
_ndb_struct_na_base_pair_step.helical_twist 
_ndb_struct_na_base_pair_step.step_number 
_ndb_struct_na_base_pair_step.step_name 
_ndb_struct_na_base_pair_step.i_auth_asym_id_1 
_ndb_struct_na_base_pair_step.i_auth_seq_id_1 
_ndb_struct_na_base_pair_step.i_PDB_ins_code_1 
_ndb_struct_na_base_pair_step.j_auth_asym_id_1 
_ndb_struct_na_base_pair_step.j_auth_seq_id_1 
_ndb_struct_na_base_pair_step.j_PDB_ins_code_1 
_ndb_struct_na_base_pair_step.i_auth_asym_id_2 
_ndb_struct_na_base_pair_step.i_auth_seq_id_2 
_ndb_struct_na_base_pair_step.i_PDB_ins_code_2 
_ndb_struct_na_base_pair_step.j_auth_asym_id_2 
_ndb_struct_na_base_pair_step.j_auth_seq_id_2 
_ndb_struct_na_base_pair_step.j_PDB_ins_code_2 
1 A C   2  1_555 B G 13 1_555 A G   3  1_555 B C 12 1_555 -1.000 -1.946 3.224 -3.773 9.361  26.107 -6.044 1.257  2.506 19.805 
7.982  27.958 1  AA_C2G3:C24G25_BB   A 2  ? B 25 ? A 3  ? B 24 ? 
1 A G   3  1_555 B C 12 1_555 A C   4  1_555 B G 11 1_555 0.433  -1.293 3.167 2.553  7.278  32.310 -3.401 -0.358 2.841 12.851 
-4.508 33.194 2  AA_G3C4:G23C24_BB   A 3  ? B 24 ? A 4  ? B 23 ? 
1 A C   4  1_555 B G 11 1_555 A G   5  1_555 B C 10 1_555 0.571  -1.874 3.584 1.587  18.069 34.380 -4.971 -0.672 2.368 28.265 
-2.483 38.744 3  AA_C4G5:C22G23_BB   A 4  ? B 23 ? A 5  ? B 22 ? 
1 A G   5  1_555 B C 10 1_555 A PSU 6  1_555 B G 8  1_555 1.148  -1.235 3.317 0.282  4.488  51.091 -1.736 -1.307 3.211 5.193  
-0.326 51.275 4  AA_G5PSU6:G20C22_BB A 5  ? B 22 ? A 6  ? B 20 ? 
1 A PSU 6  1_555 B G 8  1_555 A A   7  1_555 B U 7  1_555 0.142  -1.563 2.751 2.578  17.375 24.239 -5.552 0.099  1.358 35.955 
-5.335 29.857 5  AA_PSU6A7:U19G20_BB A 6  ? B 20 ? A 7  ? B 19 ? 
1 A A   7  1_555 B U 7  1_555 A G   8  1_555 B C 6  1_555 0.209  -1.409 3.414 1.261  9.369  28.519 -4.609 -0.149 2.826 18.391 
-2.474 30.014 6  AA_A7G8:C18U19_BB   A 7  ? B 19 ? A 8  ? B 18 ? 
1 A G   8  1_555 B C 6  1_555 A U   9  1_555 B A 5  1_555 -0.160 -1.151 3.165 -1.952 5.091  32.192 -2.880 -0.035 2.958 9.100  
3.489  32.638 7  AA_G8U9:A17C18_BB   A 8  ? B 18 ? A 9  ? B 17 ? 
1 A U   9  1_555 B A 5  1_555 A A   10 1_555 B U 4  1_555 0.178  -1.449 3.095 -1.058 13.036 31.822 -4.217 -0.444 2.333 22.619 
1.836  34.340 8  AA_U9A10:U16A17_BB  A 9  ? B 17 ? A 10 ? B 16 ? 
1 A A   10 1_555 B U 4  1_555 A G   11 1_555 B C 3  1_555 -0.463 -1.697 3.232 -1.462 8.715  29.521 -4.762 0.610  2.654 16.639 
2.792  30.787 9  AA_A10G11:C15U16_BB A 10 ? B 16 ? A 11 ? B 15 ? 
1 A G   11 1_555 B C 3  1_555 A C   12 1_555 B G 2  1_555 0.939  -1.724 3.248 2.954  4.953  34.738 -3.565 -1.127 3.048 8.226  
-4.906 35.199 10 AA_G11C12:G14C15_BB A 11 ? B 15 ? A 12 ? B 14 ? 
# 
_pdbx_initial_refinement_model.accession_code   ? 
_pdbx_initial_refinement_model.id               1 
_pdbx_initial_refinement_model.entity_id_list   ? 
_pdbx_initial_refinement_model.type             'experimental model' 
_pdbx_initial_refinement_model.source_name      Other 
_pdbx_initial_refinement_model.details          'our previously solved RNA duplex structure' 
# 
_atom_sites.entry_id                    3CGS 
_atom_sites.fract_transf_matrix[1][1]   0.00984447 
_atom_sites.fract_transf_matrix[1][2]   -0.03200665 
_atom_sites.fract_transf_matrix[1][3]   0.00425982 
_atom_sites.fract_transf_matrix[2][1]   0.02336912 
_atom_sites.fract_transf_matrix[2][2]   0.00828278 
_atom_sites.fract_transf_matrix[2][3]   0.00822744 
_atom_sites.fract_transf_matrix[3][1]   -0.00756180 
_atom_sites.fract_transf_matrix[3][2]   -0.00907880 
_atom_sites.fract_transf_matrix[3][3]   0.03061832 
_atom_sites.fract_transf_vector[1]      1.753192 
_atom_sites.fract_transf_vector[2]      -0.293504 
_atom_sites.fract_transf_vector[3]      0.965830 
# 
loop_
_atom_type.symbol 
C  
MG 
N  
O  
P  
# 
loop_
_atom_site.group_PDB 
_atom_site.id 
_atom_site.type_symbol 
_atom_site.label_atom_id 
_atom_site.label_alt_id 
_atom_site.label_comp_id 
_atom_site.label_asym_id 
_atom_site.label_entity_id 
_atom_site.label_seq_id 
_atom_site.pdbx_PDB_ins_code 
_atom_site.Cartn_x 
_atom_site.Cartn_y 
_atom_site.Cartn_z 
_atom_site.occupancy 
_atom_site.B_iso_or_equiv 
_atom_site.pdbx_formal_charge 
_atom_site.auth_seq_id 
_atom_site.auth_comp_id 
_atom_site.auth_asym_id 
_atom_site.auth_atom_id 
_atom_site.pdbx_PDB_model_num 
ATOM   1   O  "O5'" . G   A 1 1  ? 1.761   3.628   15.464  1.00 50.07 ? 1  G   A "O5'" 1 
ATOM   2   C  "C5'" . G   A 1 1  ? 3.057   3.117   15.790  1.00 45.64 ? 1  G   A "C5'" 1 
ATOM   3   C  "C4'" . G   A 1 1  ? 3.070   1.610   15.925  1.00 45.13 ? 1  G   A "C4'" 1 
ATOM   4   O  "O4'" . G   A 1 1  ? 2.088   1.202   16.921  1.00 40.70 ? 1  G   A "O4'" 1 
ATOM   5   C  "C3'" . G   A 1 1  ? 2.658   0.837   14.682  1.00 44.80 ? 1  G   A "C3'" 1 
ATOM   6   O  "O3'" . G   A 1 1  ? 3.718   0.707   13.744  1.00 49.62 ? 1  G   A "O3'" 1 
ATOM   7   C  "C2'" . G   A 1 1  ? 2.221   -0.489  15.283  1.00 42.52 ? 1  G   A "C2'" 1 
ATOM   8   O  "O2'" . G   A 1 1  ? 3.302   -1.287  15.720  1.00 42.15 ? 1  G   A "O2'" 1 
ATOM   9   C  "C1'" . G   A 1 1  ? 1.440   0.006   16.498  1.00 40.69 ? 1  G   A "C1'" 1 
ATOM   10  N  N9    . G   A 1 1  ? 0.076   0.345   16.110  1.00 36.03 ? 1  G   A N9    1 
ATOM   11  C  C8    . G   A 1 1  ? -0.439  1.606   15.938  1.00 36.49 ? 1  G   A C8    1 
ATOM   12  N  N7    . G   A 1 1  ? -1.687  1.601   15.550  1.00 37.56 ? 1  G   A N7    1 
ATOM   13  C  C5    . G   A 1 1  ? -2.016  0.256   15.469  1.00 35.21 ? 1  G   A C5    1 
ATOM   14  C  C6    . G   A 1 1  ? -3.231  -0.364  15.094  1.00 34.02 ? 1  G   A C6    1 
ATOM   15  O  O6    . G   A 1 1  ? -4.294  0.170   14.745  1.00 37.72 ? 1  G   A O6    1 
ATOM   16  N  N1    . G   A 1 1  ? -3.137  -1.749  15.152  1.00 32.08 ? 1  G   A N1    1 
ATOM   17  C  C2    . G   A 1 1  ? -2.015  -2.451  15.525  1.00 33.30 ? 1  G   A C2    1 
ATOM   18  N  N2    . G   A 1 1  ? -2.133  -3.788  15.542  1.00 30.38 ? 1  G   A N2    1 
ATOM   19  N  N3    . G   A 1 1  ? -0.867  -1.883  15.865  1.00 32.91 ? 1  G   A N3    1 
ATOM   20  C  C4    . G   A 1 1  ? -0.941  -0.534  15.818  1.00 32.87 ? 1  G   A C4    1 
ATOM   21  P  P     . C   A 1 2  ? 3.377   0.592   12.173  1.00 51.27 ? 2  C   A P     1 
ATOM   22  O  OP1   . C   A 1 2  ? 4.659   0.755   11.446  1.00 51.66 ? 2  C   A OP1   1 
ATOM   23  O  OP2   . C   A 1 2  ? 2.231   1.484   11.854  1.00 51.01 ? 2  C   A OP2   1 
ATOM   24  O  "O5'" . C   A 1 2  ? 2.892   -0.913  11.997  1.00 45.03 ? 2  C   A "O5'" 1 
ATOM   25  C  "C5'" . C   A 1 2  ? 3.671   -1.978  12.520  1.00 41.35 ? 2  C   A "C5'" 1 
ATOM   26  C  "C4'" . C   A 1 2  ? 2.933   -3.286  12.399  1.00 37.12 ? 2  C   A "C4'" 1 
ATOM   27  O  "O4'" . C   A 1 2  ? 1.723   -3.256  13.200  1.00 37.29 ? 2  C   A "O4'" 1 
ATOM   28  C  "C3'" . C   A 1 2  ? 2.409   -3.657  11.025  1.00 36.18 ? 2  C   A "C3'" 1 
ATOM   29  O  "O3'" . C   A 1 2  ? 3.452   -4.134  10.179  1.00 33.32 ? 2  C   A "O3'" 1 
ATOM   30  C  "C2'" . C   A 1 2  ? 1.414   -4.751  11.388  1.00 35.08 ? 2  C   A "C2'" 1 
ATOM   31  O  "O2'" . C   A 1 2  ? 2.057   -5.965  11.712  1.00 37.99 ? 2  C   A "O2'" 1 
ATOM   32  C  "C1'" . C   A 1 2  ? 0.779   -4.167  12.654  1.00 36.41 ? 2  C   A "C1'" 1 
ATOM   33  N  N1    . C   A 1 2  ? -0.469  -3.447  12.360  1.00 32.29 ? 2  C   A N1    1 
ATOM   34  C  C2    . C   A 1 2  ? -1.641  -4.185  12.196  1.00 30.54 ? 2  C   A C2    1 
ATOM   35  O  O2    . C   A 1 2  ? -1.595  -5.421  12.334  1.00 28.32 ? 2  C   A O2    1 
ATOM   36  N  N3    . C   A 1 2  ? -2.794  -3.541  11.889  1.00 31.63 ? 2  C   A N3    1 
ATOM   37  C  C4    . C   A 1 2  ? -2.799  -2.214  11.752  1.00 28.46 ? 2  C   A C4    1 
ATOM   38  N  N4    . C   A 1 2  ? -3.953  -1.621  11.432  1.00 31.52 ? 2  C   A N4    1 
ATOM   39  C  C5    . C   A 1 2  ? -1.619  -1.434  11.930  1.00 30.65 ? 2  C   A C5    1 
ATOM   40  C  C6    . C   A 1 2  ? -0.487  -2.086  12.232  1.00 30.68 ? 2  C   A C6    1 
ATOM   41  P  P     . G   A 1 3  ? 3.250   -4.135  8.583   1.00 31.26 ? 3  G   A P     1 
ATOM   42  O  OP1   . G   A 1 3  ? 4.583   -4.389  7.976   1.00 35.06 ? 3  G   A OP1   1 
ATOM   43  O  OP2   . G   A 1 3  ? 2.490   -2.923  8.185   1.00 31.82 ? 3  G   A OP2   1 
ATOM   44  O  "O5'" . G   A 1 3  ? 2.350   -5.428  8.320   1.00 32.86 ? 3  G   A "O5'" 1 
ATOM   45  C  "C5'" . G   A 1 3  ? 2.831   -6.728  8.650   1.00 28.86 ? 3  G   A "C5'" 1 
ATOM   46  C  "C4'" . G   A 1 3  ? 1.801   -7.785  8.310   1.00 32.48 ? 3  G   A "C4'" 1 
ATOM   47  O  "O4'" . G   A 1 3  ? 0.660   -7.694  9.209   1.00 30.96 ? 3  G   A "O4'" 1 
ATOM   48  C  "C3'" . G   A 1 3  ? 1.189   -7.708  6.922   1.00 30.95 ? 3  G   A "C3'" 1 
ATOM   49  O  "O3'" . G   A 1 3  ? 2.057   -8.267  5.933   1.00 27.66 ? 3  G   A "O3'" 1 
ATOM   50  C  "C2'" . G   A 1 3  ? -0.090  -8.517  7.116   1.00 27.52 ? 3  G   A "C2'" 1 
ATOM   51  O  "O2'" . G   A 1 3  ? 0.143   -9.915  7.125   1.00 29.11 ? 3  G   A "O2'" 1 
ATOM   52  C  "C1'" . G   A 1 3  ? -0.525  -8.061  8.513   1.00 28.70 ? 3  G   A "C1'" 1 
ATOM   53  N  N9    . G   A 1 3  ? -1.410  -6.896  8.464   1.00 27.41 ? 3  G   A N9    1 
ATOM   54  C  C8    . G   A 1 3  ? -1.045  -5.579  8.607   1.00 27.74 ? 3  G   A C8    1 
ATOM   55  N  N7    . G   A 1 3  ? -2.045  -4.750  8.473   1.00 27.09 ? 3  G   A N7    1 
ATOM   56  C  C5    . G   A 1 3  ? -3.143  -5.569  8.242   1.00 25.36 ? 3  G   A C5    1 
ATOM   57  C  C6    . G   A 1 3  ? -4.507  -5.236  8.018   1.00 26.02 ? 3  G   A C6    1 
ATOM   58  O  O6    . G   A 1 3  ? -5.036  -4.111  7.975   1.00 23.44 ? 3  G   A O6    1 
ATOM   59  N  N1    . G   A 1 3  ? -5.284  -6.372  7.825   1.00 21.20 ? 3  G   A N1    1 
ATOM   60  C  C2    . G   A 1 3  ? -4.817  -7.663  7.837   1.00 22.01 ? 3  G   A C2    1 
ATOM   61  N  N2    . G   A 1 3  ? -5.731  -8.623  7.611   1.00 24.39 ? 3  G   A N2    1 
ATOM   62  N  N3    . G   A 1 3  ? -3.545  -7.988  8.048   1.00 23.95 ? 3  G   A N3    1 
ATOM   63  C  C4    . G   A 1 3  ? -2.772  -6.898  8.240   1.00 26.52 ? 3  G   A C4    1 
ATOM   64  P  P     . C   A 1 4  ? 2.133   -7.604  4.468   1.00 28.09 ? 4  C   A P     1 
ATOM   65  O  OP1   . C   A 1 4  ? 3.321   -8.178  3.776   1.00 30.46 ? 4  C   A OP1   1 
ATOM   66  O  OP2   . C   A 1 4  ? 2.005   -6.125  4.587   1.00 29.49 ? 4  C   A OP2   1 
ATOM   67  O  "O5'" . C   A 1 4  ? 0.820   -8.142  3.733   1.00 28.63 ? 4  C   A "O5'" 1 
ATOM   68  C  "C5'" . C   A 1 4  ? 0.582   -9.542  3.590   1.00 28.67 ? 4  C   A "C5'" 1 
ATOM   69  C  "C4'" . C   A 1 4  ? -0.884  -9.814  3.312   1.00 24.38 ? 4  C   A "C4'" 1 
ATOM   70  O  "O4'" . C   A 1 4  ? -1.686  -9.409  4.458   1.00 24.16 ? 4  C   A "O4'" 1 
ATOM   71  C  "C3'" . C   A 1 4  ? -1.525  -9.069  2.154   1.00 22.14 ? 4  C   A "C3'" 1 
ATOM   72  O  "O3'" . C   A 1 4  ? -1.185  -9.636  0.891   1.00 23.09 ? 4  C   A "O3'" 1 
ATOM   73  C  "C2'" . C   A 1 4  ? -3.003  -9.216  2.504   1.00 21.22 ? 4  C   A "C2'" 1 
ATOM   74  O  "O2'" . C   A 1 4  ? -3.488  -10.528 2.273   1.00 20.48 ? 4  C   A "O2'" 1 
ATOM   75  C  "C1'" . C   A 1 4  ? -2.965  -8.973  4.013   1.00 20.92 ? 4  C   A "C1'" 1 
ATOM   76  N  N1    . C   A 1 4  ? -3.112  -7.542  4.325   1.00 19.82 ? 4  C   A N1    1 
ATOM   77  C  C2    . C   A 1 4  ? -4.398  -7.000  4.358   1.00 20.53 ? 4  C   A C2    1 
ATOM   78  O  O2    . C   A 1 4  ? -5.368  -7.751  4.147   1.00 18.71 ? 4  C   A O2    1 
ATOM   79  N  N3    . C   A 1 4  ? -4.554  -5.676  4.612   1.00 20.51 ? 4  C   A N3    1 
ATOM   80  C  C4    . C   A 1 4  ? -3.480  -4.906  4.817   1.00 21.81 ? 4  C   A C4    1 
ATOM   81  N  N4    . C   A 1 4  ? -3.672  -3.599  5.030   1.00 19.24 ? 4  C   A N4    1 
ATOM   82  C  C5    . C   A 1 4  ? -2.158  -5.438  4.804   1.00 21.09 ? 4  C   A C5    1 
ATOM   83  C  C6    . C   A 1 4  ? -2.021  -6.751  4.556   1.00 18.90 ? 4  C   A C6    1 
ATOM   84  P  P     . G   A 1 5  ? -1.167  -8.704  -0.423  1.00 24.37 ? 5  G   A P     1 
ATOM   85  O  OP1   . G   A 1 5  ? -0.697  -9.495  -1.586  1.00 27.10 ? 5  G   A OP1   1 
ATOM   86  O  OP2   . G   A 1 5  ? -0.482  -7.420  -0.088  1.00 27.02 ? 5  G   A OP2   1 
ATOM   87  O  "O5'" . G   A 1 5  ? -2.695  -8.327  -0.659  1.00 24.61 ? 5  G   A "O5'" 1 
ATOM   88  C  "C5'" . G   A 1 5  ? -3.647  -9.304  -1.046  1.00 23.23 ? 5  G   A "C5'" 1 
ATOM   89  C  "C4'" . G   A 1 5  ? -5.004  -8.661  -1.181  1.00 23.13 ? 5  G   A "C4'" 1 
ATOM   90  O  "O4'" . G   A 1 5  ? -5.418  -8.143  0.119   1.00 21.81 ? 5  G   A "O4'" 1 
ATOM   91  C  "C3'" . G   A 1 5  ? -5.053  -7.429  -2.076  1.00 24.69 ? 5  G   A "C3'" 1 
ATOM   92  O  "O3'" . G   A 1 5  ? -5.131  -7.760  -3.462  1.00 28.46 ? 5  G   A "O3'" 1 
ATOM   93  C  "C2'" . G   A 1 5  ? -6.323  -6.753  -1.582  1.00 23.22 ? 5  G   A "C2'" 1 
ATOM   94  O  "O2'" . G   A 1 5  ? -7.499  -7.385  -2.060  1.00 23.92 ? 5  G   A "O2'" 1 
ATOM   95  C  "C1'" . G   A 1 5  ? -6.199  -6.968  -0.072  1.00 24.16 ? 5  G   A "C1'" 1 
ATOM   96  N  N9    . G   A 1 5  ? -5.535  -5.836  0.569   1.00 21.05 ? 5  G   A N9    1 
ATOM   97  C  C8    . G   A 1 5  ? -4.239  -5.756  1.025   1.00 23.92 ? 5  G   A C8    1 
ATOM   98  N  N7    . G   A 1 5  ? -3.952  -4.593  1.550   1.00 23.53 ? 5  G   A N7    1 
ATOM   99  C  C5    . G   A 1 5  ? -5.131  -3.864  1.431   1.00 21.29 ? 5  G   A C5    1 
ATOM   100 C  C6    . G   A 1 5  ? -5.437  -2.532  1.823   1.00 24.20 ? 5  G   A C6    1 
ATOM   101 O  O6    . G   A 1 5  ? -4.702  -1.699  2.373   1.00 23.72 ? 5  G   A O6    1 
ATOM   102 N  N1    . G   A 1 5  ? -6.752  -2.196  1.511   1.00 19.20 ? 5  G   A N1    1 
ATOM   103 C  C2    . G   A 1 5  ? -7.651  -3.024  0.889   1.00 20.18 ? 5  G   A C2    1 
ATOM   104 N  N2    . G   A 1 5  ? -8.865  -2.506  0.652   1.00 23.59 ? 5  G   A N2    1 
ATOM   105 N  N3    . G   A 1 5  ? -7.381  -4.269  0.523   1.00 21.17 ? 5  G   A N3    1 
ATOM   106 C  C4    . G   A 1 5  ? -6.112  -4.619  0.825   1.00 22.21 ? 5  G   A C4    1 
HETATM 107 N  N1    . PSU A 1 6  ? -3.354  -3.121  -1.505  1.00 25.89 ? 6  PSU A N1    1 
HETATM 108 C  C2    . PSU A 1 6  ? -2.998  -1.951  -0.768  1.00 24.97 ? 6  PSU A C2    1 
HETATM 109 N  N3    . PSU A 1 6  ? -3.986  -0.987  -0.705  1.00 24.90 ? 6  PSU A N3    1 
HETATM 110 C  C4    . PSU A 1 6  ? -5.239  -1.044  -1.270  1.00 27.67 ? 6  PSU A C4    1 
HETATM 111 C  C5    . PSU A 1 6  ? -5.516  -2.220  -1.963  1.00 25.82 ? 6  PSU A C5    1 
HETATM 112 C  C6    . PSU A 1 6  ? -4.573  -3.216  -2.061  1.00 25.37 ? 6  PSU A C6    1 
HETATM 113 O  O2    . PSU A 1 6  ? -1.931  -1.762  -0.189  1.00 24.27 ? 6  PSU A O2    1 
HETATM 114 O  O4    . PSU A 1 6  ? -6.036  -0.123  -1.168  1.00 27.83 ? 6  PSU A O4    1 
HETATM 115 C  "C1'" . PSU A 1 6  ? -6.840  -2.365  -2.589  1.00 33.31 ? 6  PSU A "C1'" 1 
HETATM 116 C  "C2'" . PSU A 1 6  ? -6.929  -1.633  -3.930  1.00 32.99 ? 6  PSU A "C2'" 1 
HETATM 117 O  "O2'" . PSU A 1 6  ? -8.257  -1.198  -4.138  1.00 39.02 ? 6  PSU A "O2'" 1 
HETATM 118 C  "C3'" . PSU A 1 6  ? -6.511  -2.733  -4.897  1.00 36.04 ? 6  PSU A "C3'" 1 
HETATM 119 C  "C4'" . PSU A 1 6  ? -7.203  -3.946  -4.294  1.00 34.53 ? 6  PSU A "C4'" 1 
HETATM 120 O  "O3'" . PSU A 1 6  ? -6.971  -2.478  -6.221  1.00 39.06 ? 6  PSU A "O3'" 1 
HETATM 121 O  "O4'" . PSU A 1 6  ? -7.060  -3.746  -2.860  1.00 32.56 ? 6  PSU A "O4'" 1 
HETATM 122 C  "C5'" . PSU A 1 6  ? -6.658  -5.305  -4.687  1.00 34.45 ? 6  PSU A "C5'" 1 
HETATM 123 O  "O5'" . PSU A 1 6  ? -5.266  -5.395  -4.390  1.00 31.50 ? 6  PSU A "O5'" 1 
HETATM 124 P  P     . PSU A 1 6  ? -4.476  -6.771  -4.561  1.00 30.27 ? 6  PSU A P     1 
HETATM 125 O  OP1   . PSU A 1 6  ? -4.794  -7.338  -5.895  1.00 33.68 ? 6  PSU A OP1   1 
HETATM 126 O  OP2   . PSU A 1 6  ? -3.059  -6.526  -4.188  1.00 32.45 ? 6  PSU A OP2   1 
ATOM   127 P  P     . A   A 1 7  ? -5.954  -1.880  -7.319  1.00 40.69 ? 7  A   A P     1 
ATOM   128 O  OP1   . A   A 1 7  ? -6.628  -2.028  -8.634  1.00 43.53 ? 7  A   A OP1   1 
ATOM   129 O  OP2   . A   A 1 7  ? -4.609  -2.474  -7.115  1.00 40.16 ? 7  A   A OP2   1 
ATOM   130 O  "O5'" . A   A 1 7  ? -5.879  -0.323  -6.968  1.00 40.04 ? 7  A   A "O5'" 1 
ATOM   131 C  "C5'" . A   A 1 7  ? -7.014  0.518   -7.166  1.00 42.24 ? 7  A   A "C5'" 1 
ATOM   132 C  "C4'" . A   A 1 7  ? -6.798  1.881   -6.540  1.00 42.22 ? 7  A   A "C4'" 1 
ATOM   133 O  "O4'" . A   A 1 7  ? -6.701  1.758   -5.097  1.00 40.54 ? 7  A   A "O4'" 1 
ATOM   134 C  "C3'" . A   A 1 7  ? -5.538  2.640   -6.924  1.00 43.21 ? 7  A   A "C3'" 1 
ATOM   135 O  "O3'" . A   A 1 7  ? -5.678  3.281   -8.191  1.00 45.96 ? 7  A   A "O3'" 1 
ATOM   136 C  "C2'" . A   A 1 7  ? -5.433  3.644   -5.780  1.00 42.15 ? 7  A   A "C2'" 1 
ATOM   137 O  "O2'" . A   A 1 7  ? -6.329  4.728   -5.920  1.00 45.46 ? 7  A   A "O2'" 1 
ATOM   138 C  "C1'" . A   A 1 7  ? -5.867  2.787   -4.586  1.00 39.55 ? 7  A   A "C1'" 1 
ATOM   139 N  N9    . A   A 1 7  ? -4.736  2.160   -3.909  1.00 35.14 ? 7  A   A N9    1 
ATOM   140 C  C8    . A   A 1 7  ? -4.215  0.909   -4.132  1.00 36.00 ? 7  A   A C8    1 
ATOM   141 N  N7    . A   A 1 7  ? -3.178  0.628   -3.383  1.00 32.03 ? 7  A   A N7    1 
ATOM   142 C  C5    . A   A 1 7  ? -3.004  1.769   -2.613  1.00 31.82 ? 7  A   A C5    1 
ATOM   143 C  C6    . A   A 1 7  ? -2.065  2.106   -1.627  1.00 30.75 ? 7  A   A C6    1 
ATOM   144 N  N6    . A   A 1 7  ? -1.077  1.296   -1.242  1.00 26.15 ? 7  A   A N6    1 
ATOM   145 N  N1    . A   A 1 7  ? -2.170  3.322   -1.046  1.00 32.42 ? 7  A   A N1    1 
ATOM   146 C  C2    . A   A 1 7  ? -3.154  4.136   -1.442  1.00 33.06 ? 7  A   A C2    1 
ATOM   147 N  N3    . A   A 1 7  ? -4.097  3.934   -2.365  1.00 35.96 ? 7  A   A N3    1 
ATOM   148 C  C4    . A   A 1 7  ? -3.963  2.716   -2.919  1.00 34.19 ? 7  A   A C4    1 
ATOM   149 P  P     . G   A 1 8  ? -4.367  3.607   -9.073  1.00 49.69 ? 8  G   A P     1 
ATOM   150 O  OP1   . G   A 1 8  ? -4.837  4.116   -10.388 1.00 49.01 ? 8  G   A OP1   1 
ATOM   151 O  OP2   . G   A 1 8  ? -3.444  2.444   -9.029  1.00 46.21 ? 8  G   A OP2   1 
ATOM   152 O  "O5'" . G   A 1 8  ? -3.676  4.811   -8.289  1.00 46.76 ? 8  G   A "O5'" 1 
ATOM   153 C  "C5'" . G   A 1 8  ? -4.360  6.044   -8.102  1.00 46.53 ? 8  G   A "C5'" 1 
ATOM   154 C  "C4'" . G   A 1 8  ? -3.590  6.938   -7.159  1.00 44.20 ? 8  G   A "C4'" 1 
ATOM   155 O  "O4'" . G   A 1 8  ? -3.533  6.334   -5.838  1.00 42.83 ? 8  G   A "O4'" 1 
ATOM   156 C  "C3'" . G   A 1 8  ? -2.131  7.182   -7.502  1.00 44.84 ? 8  G   A "C3'" 1 
ATOM   157 O  "O3'" . G   A 1 8  ? -2.007  8.198   -8.490  1.00 45.54 ? 8  G   A "O3'" 1 
ATOM   158 C  "C2'" . G   A 1 8  ? -1.577  7.639   -6.160  1.00 42.36 ? 8  G   A "C2'" 1 
ATOM   159 O  "O2'" . G   A 1 8  ? -1.912  8.984   -5.886  1.00 44.58 ? 8  G   A "O2'" 1 
ATOM   160 C  "C1'" . G   A 1 8  ? -2.326  6.717   -5.195  1.00 41.02 ? 8  G   A "C1'" 1 
ATOM   161 N  N9    . G   A 1 8  ? -1.575  5.510   -4.859  1.00 35.39 ? 8  G   A N9    1 
ATOM   162 C  C8    . G   A 1 8  ? -1.682  4.276   -5.450  1.00 33.42 ? 8  G   A C8    1 
ATOM   163 N  N7    . G   A 1 8  ? -0.870  3.389   -4.938  1.00 33.86 ? 8  G   A N7    1 
ATOM   164 C  C5    . G   A 1 8  ? -0.188  4.080   -3.946  1.00 29.71 ? 8  G   A C5    1 
ATOM   165 C  C6    . G   A 1 8  ? 0.823   3.639   -3.047  1.00 29.07 ? 8  G   A C6    1 
ATOM   166 O  O6    . G   A 1 8  ? 1.330   2.513   -2.947  1.00 24.15 ? 8  G   A O6    1 
ATOM   167 N  N1    . G   A 1 8  ? 1.243   4.668   -2.207  1.00 27.44 ? 8  G   A N1    1 
ATOM   168 C  C2    . G   A 1 8  ? 0.756   5.953   -2.228  1.00 30.62 ? 8  G   A C2    1 
ATOM   169 N  N2    . G   A 1 8  ? 1.297   6.806   -1.349  1.00 27.60 ? 8  G   A N2    1 
ATOM   170 N  N3    . G   A 1 8  ? -0.190  6.374   -3.058  1.00 31.59 ? 8  G   A N3    1 
ATOM   171 C  C4    . G   A 1 8  ? -0.611  5.391   -3.883  1.00 31.79 ? 8  G   A C4    1 
ATOM   172 P  P     . U   A 1 9  ? -0.635  8.352   -9.314  1.00 46.60 ? 9  U   A P     1 
ATOM   173 O  OP1   . U   A 1 9  ? -0.818  9.528   -10.206 1.00 48.42 ? 9  U   A OP1   1 
ATOM   174 O  OP2   . U   A 1 9  ? -0.245  7.046   -9.896  1.00 40.83 ? 9  U   A OP2   1 
ATOM   175 O  "O5'" . U   A 1 9  ? 0.431   8.758   -8.203  1.00 44.04 ? 9  U   A "O5'" 1 
ATOM   176 C  "C5'" . U   A 1 9  ? 0.404   10.057  -7.619  1.00 44.24 ? 9  U   A "C5'" 1 
ATOM   177 C  "C4'" . U   A 1 9  ? 1.539   10.221  -6.639  1.00 43.17 ? 9  U   A "C4'" 1 
ATOM   178 O  "O4'" . U   A 1 9  ? 1.338   9.341   -5.502  1.00 42.22 ? 9  U   A "O4'" 1 
ATOM   179 C  "C3'" . U   A 1 9  ? 2.920   9.836   -7.140  1.00 43.55 ? 9  U   A "C3'" 1 
ATOM   180 O  "O3'" . U   A 1 9  ? 3.509   10.852  -7.941  1.00 46.03 ? 9  U   A "O3'" 1 
ATOM   181 C  "C2'" . U   A 1 9  ? 3.663   9.642   -5.829  1.00 41.36 ? 9  U   A "C2'" 1 
ATOM   182 O  "O2'" . U   A 1 9  ? 3.999   10.867  -5.206  1.00 41.43 ? 9  U   A "O2'" 1 
ATOM   183 C  "C1'" . U   A 1 9  ? 2.599   8.919   -5.000  1.00 38.57 ? 9  U   A "C1'" 1 
ATOM   184 N  N1    . U   A 1 9  ? 2.701   7.462   -5.159  1.00 33.34 ? 9  U   A N1    1 
ATOM   185 C  C2    . U   A 1 9  ? 3.549   6.790   -4.304  1.00 31.54 ? 9  U   A C2    1 
ATOM   186 O  O2    . U   A 1 9  ? 4.192   7.357   -3.436  1.00 30.91 ? 9  U   A O2    1 
ATOM   187 N  N3    . U   A 1 9  ? 3.620   5.433   -4.506  1.00 27.25 ? 9  U   A N3    1 
ATOM   188 C  C4    . U   A 1 9  ? 2.938   4.697   -5.456  1.00 28.20 ? 9  U   A C4    1 
ATOM   189 O  O4    . U   A 1 9  ? 3.064   3.471   -5.483  1.00 25.97 ? 9  U   A O4    1 
ATOM   190 C  C5    . U   A 1 9  ? 2.082   5.471   -6.306  1.00 30.05 ? 9  U   A C5    1 
ATOM   191 C  C6    . U   A 1 9  ? 1.994   6.791   -6.129  1.00 29.80 ? 9  U   A C6    1 
ATOM   192 P  P     . A   A 1 10 ? 4.574   10.447  -9.076  1.00 46.48 ? 10 A   A P     1 
ATOM   193 O  OP1   . A   A 1 10 ? 4.900   11.692  -9.818  1.00 48.51 ? 10 A   A OP1   1 
ATOM   194 O  OP2   . A   A 1 10 ? 4.073   9.264   -9.818  1.00 45.88 ? 10 A   A OP2   1 
ATOM   195 O  "O5'" . A   A 1 10 ? 5.867   10.010  -8.247  1.00 43.11 ? 10 A   A "O5'" 1 
ATOM   196 C  "C5'" . A   A 1 10 ? 6.569   10.957  -7.447  1.00 35.44 ? 10 A   A "C5'" 1 
ATOM   197 C  "C4'" . A   A 1 10 ? 7.677   10.287  -6.660  1.00 33.34 ? 10 A   A "C4'" 1 
ATOM   198 O  "O4'" . A   A 1 10 ? 7.110   9.375   -5.678  1.00 32.89 ? 10 A   A "O4'" 1 
ATOM   199 C  "C3'" . A   A 1 10 ? 8.653   9.411   -7.427  1.00 30.34 ? 10 A   A "C3'" 1 
ATOM   200 O  "O3'" . A   A 1 10 ? 9.653   10.173  -8.094  1.00 35.06 ? 10 A   A "O3'" 1 
ATOM   201 C  "C2'" . A   A 1 10 ? 9.252   8.586   -6.297  1.00 28.03 ? 10 A   A "C2'" 1 
ATOM   202 O  "O2'" . A   A 1 10 ? 10.170  9.334   -5.527  1.00 27.18 ? 10 A   A "O2'" 1 
ATOM   203 C  "C1'" . A   A 1 10 ? 8.010   8.296   -5.453  1.00 27.74 ? 10 A   A "C1'" 1 
ATOM   204 N  N9    . A   A 1 10 ? 7.344   7.054   -5.851  1.00 26.09 ? 10 A   A N9    1 
ATOM   205 C  C8    . A   A 1 10 ? 6.287   6.928   -6.719  1.00 26.64 ? 10 A   A C8    1 
ATOM   206 N  N7    . A   A 1 10 ? 5.901   5.690   -6.907  1.00 28.13 ? 10 A   A N7    1 
ATOM   207 C  C5    . A   A 1 10 ? 6.754   4.948   -6.104  1.00 22.38 ? 10 A   A C5    1 
ATOM   208 C  C6    . A   A 1 10 ? 6.855   3.565   -5.859  1.00 23.78 ? 10 A   A C6    1 
ATOM   209 N  N6    . A   A 1 10 ? 6.044   2.655   -6.412  1.00 19.37 ? 10 A   A N6    1 
ATOM   210 N  N1    . A   A 1 10 ? 7.824   3.147   -5.010  1.00 17.95 ? 10 A   A N1    1 
ATOM   211 C  C2    . A   A 1 10 ? 8.622   4.065   -4.448  1.00 19.96 ? 10 A   A C2    1 
ATOM   212 N  N3    . A   A 1 10 ? 8.620   5.392   -4.595  1.00 22.95 ? 10 A   A N3    1 
ATOM   213 C  C4    . A   A 1 10 ? 7.651   5.773   -5.447  1.00 24.32 ? 10 A   A C4    1 
ATOM   214 P  P     . G   A 1 11 ? 10.380  9.565   -9.393  1.00 39.32 ? 11 G   A P     1 
ATOM   215 O  OP1   . G   A 1 11 ? 11.152  10.671  -10.022 1.00 40.82 ? 11 G   A OP1   1 
ATOM   216 O  OP2   . G   A 1 11 ? 9.370   8.827   -10.197 1.00 42.28 ? 11 G   A OP2   1 
ATOM   217 O  "O5'" . G   A 1 11 ? 11.401  8.491   -8.809  1.00 38.43 ? 11 G   A "O5'" 1 
ATOM   218 C  "C5'" . G   A 1 11 ? 12.444  8.882   -7.926  1.00 37.59 ? 11 G   A "C5'" 1 
ATOM   219 C  "C4'" . G   A 1 11 ? 13.147  7.666   -7.366  1.00 38.92 ? 11 G   A "C4'" 1 
ATOM   220 O  "O4'" . G   A 1 11 ? 12.237  6.924   -6.511  1.00 35.70 ? 11 G   A "O4'" 1 
ATOM   221 C  "C3'" . G   A 1 11 ? 13.610  6.627   -8.374  1.00 38.17 ? 11 G   A "C3'" 1 
ATOM   222 O  "O3'" . G   A 1 11 ? 14.840  6.996   -8.991  1.00 40.94 ? 11 G   A "O3'" 1 
ATOM   223 C  "C2'" . G   A 1 11 ? 13.770  5.399   -7.487  1.00 34.85 ? 11 G   A "C2'" 1 
ATOM   224 O  "O2'" . G   A 1 11 ? 14.953  5.432   -6.715  1.00 37.83 ? 11 G   A "O2'" 1 
ATOM   225 C  "C1'" . G   A 1 11 ? 12.557  5.539   -6.566  1.00 34.91 ? 11 G   A "C1'" 1 
ATOM   226 N  N9    . G   A 1 11 ? 11.401  4.818   -7.089  1.00 28.03 ? 11 G   A N9    1 
ATOM   227 C  C8    . G   A 1 11 ? 10.328  5.350   -7.764  1.00 26.27 ? 11 G   A C8    1 
ATOM   228 N  N7    . G   A 1 11 ? 9.463   4.449   -8.142  1.00 29.17 ? 11 G   A N7    1 
ATOM   229 C  C5    . G   A 1 11 ? 9.990   3.252   -7.678  1.00 25.71 ? 11 G   A C5    1 
ATOM   230 C  C6    . G   A 1 11 ? 9.492   1.929   -7.791  1.00 24.31 ? 11 G   A C6    1 
ATOM   231 O  O6    . G   A 1 11 ? 8.443   1.546   -8.331  1.00 23.84 ? 11 G   A O6    1 
ATOM   232 N  N1    . G   A 1 11 ? 10.348  1.009   -7.190  1.00 21.20 ? 11 G   A N1    1 
ATOM   233 C  C2    . G   A 1 11 ? 11.526  1.319   -6.562  1.00 20.96 ? 11 G   A C2    1 
ATOM   234 N  N2    . G   A 1 11 ? 12.221  0.289   -6.066  1.00 19.90 ? 11 G   A N2    1 
ATOM   235 N  N3    . G   A 1 11 ? 11.997  2.554   -6.438  1.00 24.72 ? 11 G   A N3    1 
ATOM   236 C  C4    . G   A 1 11 ? 11.183  3.462   -7.022  1.00 24.80 ? 11 G   A C4    1 
ATOM   237 P  P     . C   A 1 12 ? 15.157  6.500   -10.489 1.00 43.09 ? 12 C   A P     1 
ATOM   238 O  OP1   . C   A 1 12 ? 16.487  7.058   -10.857 1.00 41.60 ? 12 C   A OP1   1 
ATOM   239 O  OP2   . C   A 1 12 ? 13.980  6.779   -11.354 1.00 39.97 ? 12 C   A OP2   1 
ATOM   240 O  "O5'" . C   A 1 12 ? 15.303  4.917   -10.345 1.00 40.83 ? 12 C   A "O5'" 1 
ATOM   241 C  "C5'" . C   A 1 12 ? 16.294  4.354   -9.483  1.00 40.77 ? 12 C   A "C5'" 1 
ATOM   242 C  "C4'" . C   A 1 12 ? 16.122  2.852   -9.375  1.00 39.68 ? 12 C   A "C4'" 1 
ATOM   243 O  "O4'" . C   A 1 12 ? 14.835  2.542   -8.782  1.00 39.23 ? 12 C   A "O4'" 1 
ATOM   244 C  "C3'" . C   A 1 12 ? 16.115  2.072   -10.679 1.00 40.96 ? 12 C   A "C3'" 1 
ATOM   245 O  "O3'" . C   A 1 12 ? 17.423  1.882   -11.241 1.00 41.63 ? 12 C   A "O3'" 1 
ATOM   246 C  "C2'" . C   A 1 12 ? 15.422  0.776   -10.271 1.00 39.16 ? 12 C   A "C2'" 1 
ATOM   247 O  "O2'" . C   A 1 12 ? 16.289  -0.133  -9.625  1.00 41.49 ? 12 C   A "O2'" 1 
ATOM   248 C  "C1'" . C   A 1 12 ? 14.383  1.289   -9.269  1.00 34.94 ? 12 C   A "C1'" 1 
ATOM   249 N  N1    . C   A 1 12 ? 13.054  1.469   -9.861  1.00 33.43 ? 12 C   A N1    1 
ATOM   250 C  C2    . C   A 1 12 ? 12.227  0.351   -9.995  1.00 31.09 ? 12 C   A C2    1 
ATOM   251 O  O2    . C   A 1 12 ? 12.651  -0.750  -9.613  1.00 30.20 ? 12 C   A O2    1 
ATOM   252 N  N3    . C   A 1 12 ? 10.997  0.497   -10.531 1.00 29.43 ? 12 C   A N3    1 
ATOM   253 C  C4    . C   A 1 12 ? 10.582  1.704   -10.929 1.00 29.79 ? 12 C   A C4    1 
ATOM   254 N  N4    . C   A 1 12 ? 9.355   1.802   -11.442 1.00 26.68 ? 12 C   A N4    1 
ATOM   255 C  C5    . C   A 1 12 ? 11.406  2.860   -10.814 1.00 32.02 ? 12 C   A C5    1 
ATOM   256 C  C6    . C   A 1 12 ? 12.624  2.700   -10.278 1.00 33.67 ? 12 C   A C6    1 
ATOM   257 O  "O5'" . C   B 2 1  ? 0.253   -6.133  -15.092 1.00 46.36 ? 13 C   B "O5'" 1 
ATOM   258 C  "C5'" . C   B 2 1  ? 0.426   -7.552  -15.097 1.00 43.41 ? 13 C   B "C5'" 1 
ATOM   259 C  "C4'" . C   B 2 1  ? 1.880   -7.956  -15.023 1.00 42.75 ? 13 C   B "C4'" 1 
ATOM   260 O  "O4'" . C   B 2 1  ? 2.601   -7.395  -16.156 1.00 40.97 ? 13 C   B "O4'" 1 
ATOM   261 C  "C3'" . C   B 2 1  ? 2.642   -7.443  -13.811 1.00 42.56 ? 13 C   B "C3'" 1 
ATOM   262 O  "O3'" . C   B 2 1  ? 2.410   -8.267  -12.673 1.00 43.68 ? 13 C   B "O3'" 1 
ATOM   263 C  "C2'" . C   B 2 1  ? 4.078   -7.498  -14.315 1.00 40.18 ? 13 C   B "C2'" 1 
ATOM   264 O  "O2'" . C   B 2 1  ? 4.600   -8.812  -14.373 1.00 40.53 ? 13 C   B "O2'" 1 
ATOM   265 C  "C1'" . C   B 2 1  ? 3.897   -6.984  -15.743 1.00 40.04 ? 13 C   B "C1'" 1 
ATOM   266 N  N1    . C   B 2 1  ? 3.953   -5.517  -15.820 1.00 34.83 ? 13 C   B N1    1 
ATOM   267 C  C2    . C   B 2 1  ? 5.189   -4.880  -15.671 1.00 37.14 ? 13 C   B C2    1 
ATOM   268 O  O2    . C   B 2 1  ? 6.195   -5.572  -15.476 1.00 32.22 ? 13 C   B O2    1 
ATOM   269 N  N3    . C   B 2 1  ? 5.250   -3.528  -15.744 1.00 33.80 ? 13 C   B N3    1 
ATOM   270 C  C4    . C   B 2 1  ? 4.138   -2.823  -15.962 1.00 38.68 ? 13 C   B C4    1 
ATOM   271 N  N4    . C   B 2 1  ? 4.243   -1.493  -16.042 1.00 38.51 ? 13 C   B N4    1 
ATOM   272 C  C5    . C   B 2 1  ? 2.866   -3.448  -16.113 1.00 37.93 ? 13 C   B C5    1 
ATOM   273 C  C6    . C   B 2 1  ? 2.820   -4.784  -16.034 1.00 37.22 ? 13 C   B C6    1 
ATOM   274 P  P     . G   B 2 2  ? 2.459   -7.623  -11.197 1.00 44.12 ? 14 G   B P     1 
ATOM   275 O  OP1   . G   B 2 2  ? 1.845   -8.616  -10.279 1.00 47.46 ? 14 G   B OP1   1 
ATOM   276 O  OP2   . G   B 2 2  ? 1.929   -6.235  -11.243 1.00 44.78 ? 14 G   B OP2   1 
ATOM   277 O  "O5'" . G   B 2 2  ? 4.017   -7.557  -10.872 1.00 44.78 ? 14 G   B "O5'" 1 
ATOM   278 C  "C5'" . G   B 2 2  ? 4.813   -8.729  -10.962 1.00 41.32 ? 14 G   B "C5'" 1 
ATOM   279 C  "C4'" . G   B 2 2  ? 6.271   -8.400  -10.777 1.00 39.70 ? 14 G   B "C4'" 1 
ATOM   280 O  "O4'" . G   B 2 2  ? 6.687   -7.456  -11.800 1.00 37.43 ? 14 G   B "O4'" 1 
ATOM   281 C  "C3'" . G   B 2 2  ? 6.675   -7.714  -9.481  1.00 34.96 ? 14 G   B "C3'" 1 
ATOM   282 O  "O3'" . G   B 2 2  ? 6.795   -8.653  -8.408  1.00 35.36 ? 14 G   B "O3'" 1 
ATOM   283 C  "C2'" . G   B 2 2  ? 8.033   -7.145  -9.872  1.00 34.95 ? 14 G   B "C2'" 1 
ATOM   284 O  "O2'" . G   B 2 2  ? 9.021   -8.158  -9.894  1.00 36.99 ? 14 G   B "O2'" 1 
ATOM   285 C  "C1'" . G   B 2 2  ? 7.767   -6.679  -11.308 1.00 34.06 ? 14 G   B "C1'" 1 
ATOM   286 N  N9    . G   B 2 2  ? 7.425   -5.262  -11.430 1.00 30.75 ? 14 G   B N9    1 
ATOM   287 C  C8    . G   B 2 2  ? 6.212   -4.717  -11.786 1.00 31.40 ? 14 G   B C8    1 
ATOM   288 N  N7    . G   B 2 2  ? 6.227   -3.411  -11.817 1.00 31.18 ? 14 G   B N7    1 
ATOM   289 C  C5    . G   B 2 2  ? 7.524   -3.072  -11.457 1.00 30.72 ? 14 G   B C5    1 
ATOM   290 C  C6    . G   B 2 2  ? 8.143   -1.800  -11.317 1.00 28.82 ? 14 G   B C6    1 
ATOM   291 O  O6    . G   B 2 2  ? 7.654   -0.675  -11.499 1.00 27.74 ? 14 G   B O6    1 
ATOM   292 N  N1    . G   B 2 2  ? 9.470   -1.920  -10.919 1.00 27.86 ? 14 G   B N1    1 
ATOM   293 C  C2    . G   B 2 2  ? 10.124  -3.108  -10.694 1.00 30.50 ? 14 G   B C2    1 
ATOM   294 N  N2    . G   B 2 2  ? 11.401  -3.019  -10.304 1.00 26.09 ? 14 G   B N2    1 
ATOM   295 N  N3    . G   B 2 2  ? 9.565   -4.296  -10.836 1.00 31.25 ? 14 G   B N3    1 
ATOM   296 C  C4    . G   B 2 2  ? 8.275   -4.203  -11.212 1.00 30.72 ? 14 G   B C4    1 
ATOM   297 P  P     . C   B 2 3  ? 6.513   -8.185  -6.889  1.00 31.64 ? 15 C   B P     1 
ATOM   298 O  OP1   . C   B 2 3  ? 6.405   -9.409  -6.057  1.00 33.25 ? 15 C   B OP1   1 
ATOM   299 O  OP2   . C   B 2 3  ? 5.410   -7.187  -6.873  1.00 34.32 ? 15 C   B OP2   1 
ATOM   300 O  "O5'" . C   B 2 3  ? 7.851   -7.442  -6.450  1.00 30.34 ? 15 C   B "O5'" 1 
ATOM   301 C  "C5'" . C   B 2 3  ? 9.073   -8.157  -6.331  1.00 23.93 ? 15 C   B "C5'" 1 
ATOM   302 C  "C4'" . C   B 2 3  ? 10.195  -7.210  -5.981  1.00 26.57 ? 15 C   B "C4'" 1 
ATOM   303 O  "O4'" . C   B 2 3  ? 10.435  -6.317  -7.101  1.00 25.32 ? 15 C   B "O4'" 1 
ATOM   304 C  "C3'" . C   B 2 3  ? 9.934   -6.254  -4.829  1.00 25.52 ? 15 C   B "C3'" 1 
ATOM   305 O  "O3'" . C   B 2 3  ? 10.118  -6.863  -3.556  1.00 22.62 ? 15 C   B "O3'" 1 
ATOM   306 C  "C2'" . C   B 2 3  ? 10.975  -5.175  -5.094  1.00 22.55 ? 15 C   B "C2'" 1 
ATOM   307 O  "O2'" . C   B 2 3  ? 12.283  -5.576  -4.724  1.00 24.04 ? 15 C   B "O2'" 1 
ATOM   308 C  "C1'" . C   B 2 3  ? 10.881  -5.059  -6.617  1.00 22.34 ? 15 C   B "C1'" 1 
ATOM   309 N  N1    . C   B 2 3  ? 9.909   -4.041  -7.026  1.00 18.40 ? 15 C   B N1    1 
ATOM   310 C  C2    . C   B 2 3  ? 10.289  -2.705  -6.964  1.00 22.91 ? 15 C   B C2    1 
ATOM   311 O  O2    . C   B 2 3  ? 11.417  -2.430  -6.534  1.00 19.84 ? 15 C   B O2    1 
ATOM   312 N  N3    . C   B 2 3  ? 9.420   -1.749  -7.362  1.00 21.09 ? 15 C   B N3    1 
ATOM   313 C  C4    . C   B 2 3  ? 8.203   -2.089  -7.792  1.00 22.90 ? 15 C   B C4    1 
ATOM   314 N  N4    . C   B 2 3  ? 7.374   -1.107  -8.179  1.00 23.57 ? 15 C   B N4    1 
ATOM   315 C  C5    . C   B 2 3  ? 7.779   -3.449  -7.848  1.00 22.42 ? 15 C   B C5    1 
ATOM   316 C  C6    . C   B 2 3  ? 8.658   -4.385  -7.461  1.00 24.59 ? 15 C   B C6    1 
ATOM   317 P  P     . U   B 2 4  ? 9.266   -6.340  -2.299  1.00 23.62 ? 16 U   B P     1 
ATOM   318 O  OP1   . U   B 2 4  ? 9.558   -7.237  -1.147  1.00 26.63 ? 16 U   B OP1   1 
ATOM   319 O  OP2   . U   B 2 4  ? 7.851   -6.148  -2.733  1.00 25.50 ? 16 U   B OP2   1 
ATOM   320 O  "O5'" . U   B 2 4  ? 9.873   -4.899  -2.002  1.00 22.36 ? 16 U   B "O5'" 1 
ATOM   321 C  "C5'" . U   B 2 4  ? 11.223  -4.752  -1.593  1.00 20.17 ? 16 U   B "C5'" 1 
ATOM   322 C  "C4'" . U   B 2 4  ? 11.588  -3.286  -1.498  1.00 17.04 ? 16 U   B "C4'" 1 
ATOM   323 O  "O4'" . U   B 2 4  ? 11.527  -2.685  -2.826  1.00 16.36 ? 16 U   B "O4'" 1 
ATOM   324 C  "C3'" . U   B 2 4  ? 10.680  -2.393  -0.671  1.00 19.83 ? 16 U   B "C3'" 1 
ATOM   325 O  "O3'" . U   B 2 4  ? 10.910  -2.518  0.732   1.00 21.77 ? 16 U   B "O3'" 1 
ATOM   326 C  "C2'" . U   B 2 4  ? 11.077  -1.022  -1.202  1.00 18.94 ? 16 U   B "C2'" 1 
ATOM   327 O  "O2'" . U   B 2 4  ? 12.342  -0.596  -0.720  1.00 22.46 ? 16 U   B "O2'" 1 
ATOM   328 C  "C1'" . U   B 2 4  ? 11.182  -1.312  -2.702  1.00 15.30 ? 16 U   B "C1'" 1 
ATOM   329 N  N1    . U   B 2 4  ? 9.913   -1.071  -3.408  1.00 15.46 ? 16 U   B N1    1 
ATOM   330 C  C2    . U   B 2 4  ? 9.604   0.239   -3.709  1.00 17.60 ? 16 U   B C2    1 
ATOM   331 O  O2    . U   B 2 4  ? 10.326  1.168   -3.399  1.00 14.31 ? 16 U   B O2    1 
ATOM   332 N  N3    . U   B 2 4  ? 8.413   0.421   -4.371  1.00 18.98 ? 16 U   B N3    1 
ATOM   333 C  C4    . U   B 2 4  ? 7.506   -0.565  -4.739  1.00 20.95 ? 16 U   B C4    1 
ATOM   334 O  O4    . U   B 2 4  ? 6.456   -0.246  -5.302  1.00 21.92 ? 16 U   B O4    1 
ATOM   335 C  C5    . U   B 2 4  ? 7.896   -1.898  -4.379  1.00 18.12 ? 16 U   B C5    1 
ATOM   336 C  C6    . U   B 2 4  ? 9.059   -2.101  -3.749  1.00 17.04 ? 16 U   B C6    1 
ATOM   337 P  P     . A   B 2 5  ? 9.709   -2.232  1.770   1.00 23.66 ? 17 A   B P     1 
ATOM   338 O  OP1   . A   B 2 5  ? 10.153  -2.703  3.116   1.00 27.75 ? 17 A   B OP1   1 
ATOM   339 O  OP2   . A   B 2 5  ? 8.427   -2.732  1.203   1.00 23.77 ? 17 A   B OP2   1 
ATOM   340 O  "O5'" . A   B 2 5  ? 9.610   -0.643  1.810   1.00 20.49 ? 17 A   B "O5'" 1 
ATOM   341 C  "C5'" . A   B 2 5  ? 10.717  0.152   2.220   1.00 23.35 ? 17 A   B "C5'" 1 
ATOM   342 C  "C4'" . A   B 2 5  ? 10.410  1.622   2.027   1.00 23.45 ? 17 A   B "C4'" 1 
ATOM   343 O  "O4'" . A   B 2 5  ? 10.303  1.915   0.606   1.00 20.72 ? 17 A   B "O4'" 1 
ATOM   344 C  "C3'" . A   B 2 5  ? 9.081   2.111   2.582   1.00 27.71 ? 17 A   B "C3'" 1 
ATOM   345 O  "O3'" . A   B 2 5  ? 9.131   2.341   3.981   1.00 30.46 ? 17 A   B "O3'" 1 
ATOM   346 C  "C2'" . A   B 2 5  ? 8.889   3.396   1.792   1.00 24.94 ? 17 A   B "C2'" 1 
ATOM   347 O  "O2'" . A   B 2 5  ? 9.736   4.445   2.233   1.00 28.13 ? 17 A   B "O2'" 1 
ATOM   348 C  "C1'" . A   B 2 5  ? 9.338   2.943   0.404   1.00 25.18 ? 17 A   B "C1'" 1 
ATOM   349 N  N9    . A   B 2 5  ? 8.239   2.392   -0.389  1.00 22.43 ? 17 A   B N9    1 
ATOM   350 C  C8    . A   B 2 5  ? 7.888   1.075   -0.551  1.00 19.57 ? 17 A   B C8    1 
ATOM   351 N  N7    . A   B 2 5  ? 6.869   0.894   -1.360  1.00 22.81 ? 17 A   B N7    1 
ATOM   352 C  C5    . A   B 2 5  ? 6.524   2.178   -1.757  1.00 19.28 ? 17 A   B C5    1 
ATOM   353 C  C6    . A   B 2 5  ? 5.540   2.664   -2.645  1.00 22.74 ? 17 A   B C6    1 
ATOM   354 N  N6    . A   B 2 5  ? 4.709   1.875   -3.341  1.00 19.22 ? 17 A   B N6    1 
ATOM   355 N  N1    . A   B 2 5  ? 5.449   4.001   -2.808  1.00 21.10 ? 17 A   B N1    1 
ATOM   356 C  C2    . A   B 2 5  ? 6.306   4.785   -2.138  1.00 20.31 ? 17 A   B C2    1 
ATOM   357 N  N3    . A   B 2 5  ? 7.284   4.447   -1.294  1.00 22.86 ? 17 A   B N3    1 
ATOM   358 C  C4    . A   B 2 5  ? 7.343   3.114   -1.149  1.00 23.34 ? 17 A   B C4    1 
ATOM   359 P  P     . C   B 2 6  ? 7.811   2.106   4.868   1.00 32.13 ? 18 C   B P     1 
ATOM   360 O  OP1   . C   B 2 6  ? 8.240   2.211   6.288   1.00 36.94 ? 18 C   B OP1   1 
ATOM   361 O  OP2   . C   B 2 6  ? 7.120   0.875   4.402   1.00 34.62 ? 18 C   B OP2   1 
ATOM   362 O  "O5'" . C   B 2 6  ? 6.899   3.369   4.530   1.00 35.65 ? 18 C   B "O5'" 1 
ATOM   363 C  "C5'" . C   B 2 6  ? 7.345   4.683   4.850   1.00 34.46 ? 18 C   B "C5'" 1 
ATOM   364 C  "C4'" . C   B 2 6  ? 6.515   5.723   4.132   1.00 36.83 ? 18 C   B "C4'" 1 
ATOM   365 O  "O4'" . C   B 2 6  ? 6.595   5.501   2.699   1.00 35.70 ? 18 C   B "O4'" 1 
ATOM   366 C  "C3'" . C   B 2 6  ? 5.019   5.736   4.411   1.00 36.93 ? 18 C   B "C3'" 1 
ATOM   367 O  "O3'" . C   B 2 6  ? 4.721   6.431   5.622   1.00 39.68 ? 18 C   B "O3'" 1 
ATOM   368 C  "C2'" . C   B 2 6  ? 4.500   6.487   3.193   1.00 35.40 ? 18 C   B "C2'" 1 
ATOM   369 O  "O2'" . C   B 2 6  ? 4.756   7.873   3.282   1.00 36.98 ? 18 C   B "O2'" 1 
ATOM   370 C  "C1'" . C   B 2 6  ? 5.378   5.899   2.087   1.00 35.01 ? 18 C   B "C1'" 1 
ATOM   371 N  N1    . C   B 2 6  ? 4.770   4.723   1.444   1.00 29.64 ? 18 C   B N1    1 
ATOM   372 C  C2    . C   B 2 6  ? 3.878   4.925   0.389   1.00 30.37 ? 18 C   B C2    1 
ATOM   373 O  O2    . C   B 2 6  ? 3.628   6.086   0.032   1.00 31.59 ? 18 C   B O2    1 
ATOM   374 N  N3    . C   B 2 6  ? 3.313   3.854   -0.216  1.00 27.47 ? 18 C   B N3    1 
ATOM   375 C  C4    . C   B 2 6  ? 3.608   2.622   0.198   1.00 25.51 ? 18 C   B C4    1 
ATOM   376 N  N4    . C   B 2 6  ? 3.034   1.595   -0.436  1.00 23.56 ? 18 C   B N4    1 
ATOM   377 C  C5    . C   B 2 6  ? 4.512   2.386   1.279   1.00 27.39 ? 18 C   B C5    1 
ATOM   378 C  C6    . C   B 2 6  ? 5.065   3.455   1.866   1.00 27.73 ? 18 C   B C6    1 
ATOM   379 P  P     . U   B 2 7  ? 3.385   6.066   6.448   1.00 41.75 ? 19 U   B P     1 
ATOM   380 O  OP1   . U   B 2 7  ? 3.473   6.772   7.751   1.00 42.61 ? 19 U   B OP1   1 
ATOM   381 O  OP2   . U   B 2 7  ? 3.195   4.594   6.429   1.00 40.89 ? 19 U   B OP2   1 
ATOM   382 O  "O5'" . U   B 2 7  ? 2.208   6.729   5.600   1.00 38.83 ? 19 U   B "O5'" 1 
ATOM   383 C  "C5'" . U   B 2 7  ? 2.164   8.140   5.396   1.00 38.81 ? 19 U   B "C5'" 1 
ATOM   384 C  "C4'" . U   B 2 7  ? 1.111   8.499   4.370   1.00 39.40 ? 19 U   B "C4'" 1 
ATOM   385 O  "O4'" . U   B 2 7  ? 1.422   7.873   3.101   1.00 37.46 ? 19 U   B "O4'" 1 
ATOM   386 C  "C3'" . U   B 2 7  ? -0.303  8.035   4.676   1.00 41.23 ? 19 U   B "C3'" 1 
ATOM   387 O  "O3'" . U   B 2 7  ? -0.956  8.968   5.528   1.00 47.90 ? 19 U   B "O3'" 1 
ATOM   388 C  "C2'" . U   B 2 7  ? -0.944  8.018   3.296   1.00 38.88 ? 19 U   B "C2'" 1 
ATOM   389 O  "O2'" . U   B 2 7  ? -1.366  9.298   2.877   1.00 42.86 ? 19 U   B "O2'" 1 
ATOM   390 C  "C1'" . U   B 2 7  ? 0.222   7.554   2.420   1.00 38.51 ? 19 U   B "C1'" 1 
ATOM   391 N  N1    . U   B 2 7  ? 0.216   6.111   2.139   1.00 33.79 ? 19 U   B N1    1 
ATOM   392 C  C2    . U   B 2 7  ? -0.603  5.661   1.121   1.00 32.15 ? 19 U   B C2    1 
ATOM   393 O  O2    . U   B 2 7  ? -1.321  6.405   0.474   1.00 28.83 ? 19 U   B O2    1 
ATOM   394 N  N3    . U   B 2 7  ? -0.551  4.308   0.890   1.00 29.77 ? 19 U   B N3    1 
ATOM   395 C  C4    . U   B 2 7  ? 0.216   3.383   1.560   1.00 32.11 ? 19 U   B C4    1 
ATOM   396 O  O4    . U   B 2 7  ? 0.181   2.202   1.212   1.00 33.03 ? 19 U   B O4    1 
ATOM   397 C  C5    . U   B 2 7  ? 1.028   3.925   2.605   1.00 29.93 ? 19 U   B C5    1 
ATOM   398 C  C6    . U   B 2 7  ? 1.000   5.239   2.853   1.00 31.94 ? 19 U   B C6    1 
ATOM   399 P  P     . G   B 2 8  ? -2.095  8.453   6.536   1.00 50.78 ? 20 G   B P     1 
ATOM   400 O  OP1   . G   B 2 8  ? -2.538  9.583   7.382   1.00 53.51 ? 20 G   B OP1   1 
ATOM   401 O  OP2   . G   B 2 8  ? -1.586  7.204   7.174   1.00 50.16 ? 20 G   B OP2   1 
ATOM   402 O  "O5'" . G   B 2 8  ? -3.329  8.107   5.586   1.00 48.92 ? 20 G   B "O5'" 1 
ATOM   403 C  "C5'" . G   B 2 8  ? -4.137  9.136   4.973   1.00 46.09 ? 20 G   B "C5'" 1 
ATOM   404 C  "C4'" . G   B 2 8  ? -5.262  8.481   4.209   1.00 43.41 ? 20 G   B "C4'" 1 
ATOM   405 O  "O4'" . G   B 2 8  ? -4.624  7.580   3.266   1.00 40.78 ? 20 G   B "O4'" 1 
ATOM   406 C  "C3'" . G   B 2 8  ? -6.116  7.588   5.108   1.00 42.10 ? 20 G   B "C3'" 1 
ATOM   407 O  "O3'" . G   B 2 8  ? -7.423  8.100   5.376   1.00 41.76 ? 20 G   B "O3'" 1 
ATOM   408 C  "C2'" . G   B 2 8  ? -6.402  6.325   4.281   1.00 40.72 ? 20 G   B "C2'" 1 
ATOM   409 O  "O2'" . G   B 2 8  ? -7.738  6.201   3.827   1.00 42.90 ? 20 G   B "O2'" 1 
ATOM   410 C  "C1'" . G   B 2 8  ? -5.439  6.438   3.098   1.00 37.32 ? 20 G   B "C1'" 1 
ATOM   411 N  N9    . G   B 2 8  ? -4.655  5.237   2.823   1.00 32.03 ? 20 G   B N9    1 
ATOM   412 C  C8    . G   B 2 8  ? -3.500  4.781   3.414   1.00 32.30 ? 20 G   B C8    1 
ATOM   413 N  N7    . G   B 2 8  ? -3.105  3.629   2.931   1.00 29.32 ? 20 G   B N7    1 
ATOM   414 C  C5    . G   B 2 8  ? -4.048  3.320   1.962   1.00 28.47 ? 20 G   B C5    1 
ATOM   415 C  C6    . G   B 2 8  ? -4.169  2.195   1.088   1.00 28.72 ? 20 G   B C6    1 
ATOM   416 O  O6    . G   B 2 8  ? -3.426  1.217   0.973   1.00 26.13 ? 20 G   B O6    1 
ATOM   417 N  N1    . G   B 2 8  ? -5.294  2.291   0.280   1.00 26.67 ? 20 G   B N1    1 
ATOM   418 C  C2    . G   B 2 8  ? -6.187  3.332   0.283   1.00 29.35 ? 20 G   B C2    1 
ATOM   419 N  N2    . G   B 2 8  ? -7.209  3.248   -0.582  1.00 28.46 ? 20 G   B N2    1 
ATOM   420 N  N3    . G   B 2 8  ? -6.083  4.381   1.074   1.00 30.14 ? 20 G   B N3    1 
ATOM   421 C  C4    . G   B 2 8  ? -5.005  4.305   1.882   1.00 30.01 ? 20 G   B C4    1 
ATOM   422 P  P     . A   B 2 9  ? -7.668  9.631   5.804   1.00 40.92 ? 21 A   B P     1 
ATOM   423 O  OP1   . A   B 2 9  ? -7.853  10.414  4.553   1.00 37.34 ? 21 A   B OP1   1 
ATOM   424 O  OP2   . A   B 2 9  ? -6.683  10.077  6.810   1.00 41.72 ? 21 A   B OP2   1 
ATOM   425 O  "O5'" . A   B 2 9  ? -9.089  9.547   6.527   1.00 38.74 ? 21 A   B "O5'" 1 
ATOM   426 C  "C5'" . A   B 2 9  ? -9.482  8.421   7.340   1.00 37.95 ? 21 A   B "C5'" 1 
ATOM   427 C  "C4'" . A   B 2 9  ? -10.992 8.258   7.266   1.00 36.13 ? 21 A   B "C4'" 1 
ATOM   428 O  "O4'" . A   B 2 9  ? -11.581 9.556   7.453   1.00 34.87 ? 21 A   B "O4'" 1 
ATOM   429 C  "C3'" . A   B 2 9  ? -11.491 7.698   5.935   1.00 38.13 ? 21 A   B "C3'" 1 
ATOM   430 O  "O3'" . A   B 2 9  ? -12.318 6.553   6.213   1.00 37.00 ? 21 A   B "O3'" 1 
ATOM   431 C  "C2'" . A   B 2 9  ? -12.458 8.749   5.367   1.00 34.94 ? 21 A   B "C2'" 1 
ATOM   432 O  "O2'" . A   B 2 9  ? -13.719 8.223   5.035   1.00 39.57 ? 21 A   B "O2'" 1 
ATOM   433 C  "C1'" . A   B 2 9  ? -12.596 9.754   6.513   1.00 34.40 ? 21 A   B "C1'" 1 
ATOM   434 N  N9    . A   B 2 9  ? -12.660 11.177  6.221   1.00 28.14 ? 21 A   B N9    1 
ATOM   435 C  C8    . A   B 2 9  ? -11.789 11.989  5.540   1.00 29.69 ? 21 A   B C8    1 
ATOM   436 N  N7    . A   B 2 9  ? -12.137 13.255  5.548   1.00 24.64 ? 21 A   B N7    1 
ATOM   437 C  C5    . A   B 2 9  ? -13.322 13.268  6.272   1.00 23.07 ? 21 A   B C5    1 
ATOM   438 C  C6    . A   B 2 9  ? -14.193 14.305  6.648   1.00 21.38 ? 21 A   B C6    1 
ATOM   439 N  N6    . A   B 2 9  ? -13.977 15.589  6.361   1.00 21.06 ? 21 A   B N6    1 
ATOM   440 N  N1    . A   B 2 9  ? -15.303 13.975  7.347   1.00 20.17 ? 21 A   B N1    1 
ATOM   441 C  C2    . A   B 2 9  ? -15.502 12.695  7.663   1.00 24.44 ? 21 A   B C2    1 
ATOM   442 N  N3    . A   B 2 9  ? -14.748 11.632  7.384   1.00 23.88 ? 21 A   B N3    1 
ATOM   443 C  C4    . A   B 2 9  ? -13.664 11.994  6.674   1.00 25.96 ? 21 A   B C4    1 
ATOM   444 P  P     . C   B 2 10 ? -11.683 5.108   6.552   1.00 40.51 ? 22 C   B P     1 
ATOM   445 O  OP1   . C   B 2 10 ? -12.782 4.368   7.226   1.00 41.40 ? 22 C   B OP1   1 
ATOM   446 O  OP2   . C   B 2 10 ? -10.373 5.237   7.238   1.00 40.25 ? 22 C   B OP2   1 
ATOM   447 O  "O5'" . C   B 2 10 ? -11.481 4.480   5.108   1.00 35.64 ? 22 C   B "O5'" 1 
ATOM   448 C  "C5'" . C   B 2 10 ? -12.389 4.798   4.061   1.00 35.53 ? 22 C   B "C5'" 1 
ATOM   449 C  "C4'" . C   B 2 10 ? -12.388 3.720   3.004   1.00 33.11 ? 22 C   B "C4'" 1 
ATOM   450 O  "O4'" . C   B 2 10 ? -11.139 3.754   2.262   1.00 36.04 ? 22 C   B "O4'" 1 
ATOM   451 C  "C3'" . C   B 2 10 ? -12.473 2.283   3.495   1.00 33.24 ? 22 C   B "C3'" 1 
ATOM   452 O  "O3'" . C   B 2 10 ? -13.812 1.900   3.824   1.00 34.18 ? 22 C   B "O3'" 1 
ATOM   453 C  "C2'" . C   B 2 10 ? -11.954 1.523   2.281   1.00 33.02 ? 22 C   B "C2'" 1 
ATOM   454 O  "O2'" . C   B 2 10 ? -12.934 1.394   1.275   1.00 33.11 ? 22 C   B "O2'" 1 
ATOM   455 C  "C1'" . C   B 2 10 ? -10.835 2.448   1.791   1.00 33.35 ? 22 C   B "C1'" 1 
ATOM   456 N  N1    . C   B 2 10 ? -9.508  2.054   2.298   1.00 29.80 ? 22 C   B N1    1 
ATOM   457 C  C2    . C   B 2 10 ? -8.895  0.910   1.758   1.00 27.73 ? 22 C   B C2    1 
ATOM   458 O  O2    . C   B 2 10 ? -9.470  0.286   0.857   1.00 27.02 ? 22 C   B O2    1 
ATOM   459 N  N3    . C   B 2 10 ? -7.692  0.520   2.234   1.00 28.98 ? 22 C   B N3    1 
ATOM   460 C  C4    . C   B 2 10 ? -7.099  1.218   3.207   1.00 28.16 ? 22 C   B C4    1 
ATOM   461 N  N4    . C   B 2 10 ? -5.918  0.783   3.658   1.00 27.35 ? 22 C   B N4    1 
ATOM   462 C  C5    . C   B 2 10 ? -7.692  2.392   3.764   1.00 30.16 ? 22 C   B C5    1 
ATOM   463 C  C6    . C   B 2 10 ? -8.884  2.770   3.283   1.00 28.74 ? 22 C   B C6    1 
ATOM   464 P  P     . G   B 2 11 ? -14.070 0.804   4.979   1.00 33.19 ? 23 G   B P     1 
ATOM   465 O  OP1   . G   B 2 11 ? -15.526 0.821   5.284   1.00 37.93 ? 23 G   B OP1   1 
ATOM   466 O  OP2   . G   B 2 11 ? -13.095 1.011   6.077   1.00 34.39 ? 23 G   B OP2   1 
ATOM   467 O  "O5'" . G   B 2 11 ? -13.721 -0.589  4.282   1.00 28.50 ? 23 G   B "O5'" 1 
ATOM   468 C  "C5'" . G   B 2 11 ? -14.617 -1.200  3.352   1.00 25.80 ? 23 G   B "C5'" 1 
ATOM   469 C  "C4'" . G   B 2 11 ? -14.157 -2.608  3.017   1.00 23.25 ? 23 G   B "C4'" 1 
ATOM   470 O  "O4'" . G   B 2 11 ? -12.892 -2.549  2.303   1.00 22.37 ? 23 G   B "O4'" 1 
ATOM   471 C  "C3'" . G   B 2 11 ? -13.866 -3.516  4.201   1.00 23.10 ? 23 G   B "C3'" 1 
ATOM   472 O  "O3'" . G   B 2 11 ? -15.051 -4.101  4.736   1.00 24.09 ? 23 G   B "O3'" 1 
ATOM   473 C  "C2'" . G   B 2 11 ? -12.936 -4.551  3.577   1.00 21.42 ? 23 G   B "C2'" 1 
ATOM   474 O  "O2'" . G   B 2 11 ? -13.622 -5.506  2.788   1.00 24.25 ? 23 G   B "O2'" 1 
ATOM   475 C  "C1'" . G   B 2 11 ? -12.086 -3.663  2.669   1.00 23.26 ? 23 G   B "C1'" 1 
ATOM   476 N  N9    . G   B 2 11 ? -10.894 -3.151  3.337   1.00 23.19 ? 23 G   B N9    1 
ATOM   477 C  C8    . G   B 2 11 ? -10.715 -1.890  3.851   1.00 26.03 ? 23 G   B C8    1 
ATOM   478 N  N7    . G   B 2 11 ? -9.524  -1.709  4.355   1.00 22.59 ? 23 G   B N7    1 
ATOM   479 C  C5    . G   B 2 11 ? -8.881  -2.922  4.167   1.00 23.21 ? 23 G   B C5    1 
ATOM   480 C  C6    . G   B 2 11 ? -7.558  -3.326  4.496   1.00 22.94 ? 23 G   B C6    1 
ATOM   481 O  O6    . G   B 2 11 ? -6.646  -2.657  5.018   1.00 24.05 ? 23 G   B O6    1 
ATOM   482 N  N1    . G   B 2 11 ? -7.330  -4.651  4.148   1.00 21.79 ? 23 G   B N1    1 
ATOM   483 C  C2    . G   B 2 11 ? -8.247  -5.483  3.561   1.00 22.24 ? 23 G   B C2    1 
ATOM   484 N  N2    . G   B 2 11 ? -7.839  -6.740  3.324   1.00 23.23 ? 23 G   B N2    1 
ATOM   485 N  N3    . G   B 2 11 ? -9.476  -5.115  3.233   1.00 22.82 ? 23 G   B N3    1 
ATOM   486 C  C4    . G   B 2 11 ? -9.721  -3.831  3.560   1.00 23.79 ? 23 G   B C4    1 
ATOM   487 P  P     . C   B 2 12 ? -15.125 -4.439  6.305   1.00 25.41 ? 24 C   B P     1 
ATOM   488 O  OP1   . C   B 2 12 ? -16.529 -4.849  6.597   1.00 29.09 ? 24 C   B OP1   1 
ATOM   489 O  OP2   . C   B 2 12 ? -14.511 -3.326  7.080   1.00 24.58 ? 24 C   B OP2   1 
ATOM   490 O  "O5'" . C   B 2 12 ? -14.162 -5.703  6.482   1.00 26.87 ? 24 C   B "O5'" 1 
ATOM   491 C  "C5'" . C   B 2 12 ? -14.521 -6.988  5.977   1.00 23.90 ? 24 C   B "C5'" 1 
ATOM   492 C  "C4'" . C   B 2 12 ? -13.409 -7.993  6.227   1.00 25.22 ? 24 C   B "C4'" 1 
ATOM   493 O  "O4'" . C   B 2 12 ? -12.225 -7.633  5.460   1.00 23.76 ? 24 C   B "O4'" 1 
ATOM   494 C  "C3'" . C   B 2 12 ? -12.878 -8.101  7.648   1.00 24.58 ? 24 C   B "C3'" 1 
ATOM   495 O  "O3'" . C   B 2 12 ? -13.716 -8.869  8.503   1.00 30.10 ? 24 C   B "O3'" 1 
ATOM   496 C  "C2'" . C   B 2 12 ? -11.528 -8.768  7.419   1.00 24.87 ? 24 C   B "C2'" 1 
ATOM   497 O  "O2'" . C   B 2 12 ? -11.607 -10.159 7.165   1.00 26.41 ? 24 C   B "O2'" 1 
ATOM   498 C  "C1'" . C   B 2 12 ? -11.055 -8.044  6.160   1.00 24.01 ? 24 C   B "C1'" 1 
ATOM   499 N  N1    . C   B 2 12 ? -10.265 -6.851  6.517   1.00 25.10 ? 24 C   B N1    1 
ATOM   500 C  C2    . C   B 2 12 ? -8.911  -7.011  6.819   1.00 20.86 ? 24 C   B C2    1 
ATOM   501 O  O2    . C   B 2 12 ? -8.405  -8.138  6.722   1.00 20.21 ? 24 C   B O2    1 
ATOM   502 N  N3    . C   B 2 12 ? -8.184  -5.934  7.211   1.00 21.81 ? 24 C   B N3    1 
ATOM   503 C  C4    . C   B 2 12 ? -8.762  -4.739  7.301   1.00 23.55 ? 24 C   B C4    1 
ATOM   504 N  N4    . C   B 2 12 ? -8.012  -3.712  7.723   1.00 23.97 ? 24 C   B N4    1 
ATOM   505 C  C5    . C   B 2 12 ? -10.137 -4.538  6.970   1.00 24.19 ? 24 C   B C5    1 
ATOM   506 C  C6    . C   B 2 12 ? -10.844 -5.613  6.581   1.00 25.84 ? 24 C   B C6    1 
ATOM   507 P  P     . G   B 2 13 ? -13.723 -8.563  10.083  1.00 30.90 ? 25 G   B P     1 
ATOM   508 O  OP1   . G   B 2 13 ? -14.709 -9.474  10.716  1.00 33.26 ? 25 G   B OP1   1 
ATOM   509 O  OP2   . G   B 2 13 ? -13.851 -7.088  10.271  1.00 30.90 ? 25 G   B OP2   1 
ATOM   510 O  "O5'" . G   B 2 13 ? -12.256 -8.952  10.580  1.00 31.41 ? 25 G   B "O5'" 1 
ATOM   511 C  "C5'" . G   B 2 13 ? -11.773 -10.290 10.477  1.00 32.31 ? 25 G   B "C5'" 1 
ATOM   512 C  "C4'" . G   B 2 13 ? -10.323 -10.376 10.920  1.00 31.75 ? 25 G   B "C4'" 1 
ATOM   513 O  "O4'" . G   B 2 13 ? -9.476  -9.574  10.057  1.00 28.42 ? 25 G   B "O4'" 1 
ATOM   514 C  "C3'" . G   B 2 13 ? -9.986  -9.852  12.306  1.00 32.77 ? 25 G   B "C3'" 1 
ATOM   515 O  "O3'" . G   B 2 13 ? -10.450 -10.673 13.381  1.00 37.67 ? 25 G   B "O3'" 1 
ATOM   516 C  "C2'" . G   B 2 13 ? -8.474  -9.683  12.215  1.00 31.39 ? 25 G   B "C2'" 1 
ATOM   517 O  "O2'" . G   B 2 13 ? -7.754  -10.891 12.374  1.00 35.39 ? 25 G   B "O2'" 1 
ATOM   518 C  "C1'" . G   B 2 13 ? -8.312  -9.182  10.778  1.00 31.61 ? 25 G   B "C1'" 1 
ATOM   519 N  N9    . G   B 2 13 ? -8.174  -7.729  10.723  1.00 26.72 ? 25 G   B N9    1 
ATOM   520 C  C8    . G   B 2 13 ? -9.164  -6.795  10.519  1.00 26.91 ? 25 G   B C8    1 
ATOM   521 N  N7    . G   B 2 13 ? -8.727  -5.566  10.567  1.00 25.79 ? 25 G   B N7    1 
ATOM   522 C  C5    . G   B 2 13 ? -7.362  -5.695  10.807  1.00 26.82 ? 25 G   B C5    1 
ATOM   523 C  C6    . G   B 2 13 ? -6.352  -4.705  10.963  1.00 22.85 ? 25 G   B C6    1 
ATOM   524 O  O6    . G   B 2 13 ? -6.464  -3.468  10.930  1.00 27.90 ? 25 G   B O6    1 
ATOM   525 N  N1    . G   B 2 13 ? -5.104  -5.280  11.184  1.00 26.57 ? 25 G   B N1    1 
ATOM   526 C  C2    . G   B 2 13 ? -4.855  -6.630  11.255  1.00 24.38 ? 25 G   B C2    1 
ATOM   527 N  N2    . G   B 2 13 ? -3.580  -6.990  11.479  1.00 25.17 ? 25 G   B N2    1 
ATOM   528 N  N3    . G   B 2 13 ? -5.784  -7.560  11.116  1.00 27.11 ? 25 G   B N3    1 
ATOM   529 C  C4    . G   B 2 13 ? -7.006  -7.025  10.895  1.00 27.14 ? 25 G   B C4    1 
HETATM 530 MG MG    . MG  C 3 .  ? -1.026  0.047   4.322   1.00 28.55 ? 1  MG  B MG    1 
HETATM 531 O  O     . HOH D 4 .  ? -2.674  -0.343  5.693   1.00 30.98 ? 13 HOH A O     1 
HETATM 532 O  O     . HOH D 4 .  ? -0.758  -2.089  4.439   1.00 22.72 ? 14 HOH A O     1 
HETATM 533 O  O     . HOH D 4 .  ? 4.083   4.624   -8.489  1.00 40.37 ? 15 HOH A O     1 
HETATM 534 O  O     . HOH D 4 .  ? 2.120   1.574   -7.412  1.00 32.82 ? 16 HOH A O     1 
HETATM 535 O  O     . HOH D 4 .  ? -5.011  -1.523  8.077   1.00 35.61 ? 17 HOH A O     1 
HETATM 536 O  O     . HOH D 4 .  ? -1.291  -3.492  2.009   1.00 22.24 ? 18 HOH A O     1 
HETATM 537 O  O     . HOH D 4 .  ? 6.823   2.897   -9.616  1.00 32.14 ? 19 HOH A O     1 
HETATM 538 O  O     . HOH D 4 .  ? -6.037  -10.429 3.470   1.00 23.12 ? 20 HOH A O     1 
HETATM 539 O  O     . HOH D 4 .  ? -7.260  -9.457  -4.238  1.00 43.58 ? 21 HOH A O     1 
HETATM 540 O  O     . HOH D 4 .  ? 11.280  8.674   -3.215  1.00 39.00 ? 22 HOH A O     1 
HETATM 541 O  O     . HOH D 4 .  ? 5.009   4.683   -10.527 1.00 50.00 ? 23 HOH A O     1 
HETATM 542 O  O     . HOH D 4 .  ? 18.408  7.244   -12.916 1.00 62.98 ? 24 HOH A O     1 
HETATM 543 O  O     . HOH D 4 .  ? -1.633  -5.250  -1.861  1.00 29.47 ? 25 HOH A O     1 
HETATM 544 O  O     . HOH D 4 .  ? -5.832  -11.610 8.002   1.00 44.86 ? 26 HOH A O     1 
HETATM 545 O  O     . HOH D 4 .  ? 10.964  6.054   -3.418  1.00 29.96 ? 27 HOH A O     1 
HETATM 546 O  O     . HOH D 4 .  ? -2.464  -3.746  -4.975  1.00 42.77 ? 28 HOH A O     1 
HETATM 547 O  O     . HOH D 4 .  ? 4.595   13.880  -4.736  1.00 36.53 ? 29 HOH A O     1 
HETATM 548 O  O     . HOH D 4 .  ? 7.766   5.299   -10.055 1.00 48.52 ? 30 HOH A O     1 
HETATM 549 O  O     . HOH D 4 .  ? -6.323  5.883   -3.569  1.00 47.00 ? 31 HOH A O     1 
HETATM 550 O  O     . HOH D 4 .  ? 14.582  3.134   -4.784  1.00 47.43 ? 32 HOH A O     1 
HETATM 551 O  O     . HOH D 4 .  ? -9.456  -5.945  -0.802  1.00 37.19 ? 33 HOH A O     1 
HETATM 552 O  O     . HOH D 4 .  ? 1.295   -4.518  2.079   1.00 36.78 ? 34 HOH A O     1 
HETATM 553 O  O     . HOH D 4 .  ? 4.126   0.722   -8.586  1.00 55.99 ? 35 HOH A O     1 
HETATM 554 O  O     . HOH D 4 .  ? -1.835  -2.005  8.324   1.00 31.28 ? 36 HOH A O     1 
HETATM 555 O  O     . HOH D 4 .  ? 5.879   3.616   -12.408 1.00 40.15 ? 37 HOH A O     1 
HETATM 556 O  O     . HOH D 4 .  ? 1.262   -3.444  16.561  1.00 37.56 ? 38 HOH A O     1 
HETATM 557 O  O     . HOH D 4 .  ? -0.663  -12.594 -2.398  1.00 59.70 ? 39 HOH A O     1 
HETATM 558 O  O     . HOH D 4 .  ? 0.614   -0.820  8.456   1.00 34.22 ? 40 HOH A O     1 
HETATM 559 O  O     . HOH D 4 .  ? -4.238  1.633   11.293  1.00 48.65 ? 41 HOH A O     1 
HETATM 560 O  O     . HOH D 4 .  ? -11.155 -2.904  -1.071  1.00 50.93 ? 42 HOH A O     1 
HETATM 561 O  O     . HOH D 4 .  ? 1.303   -3.587  5.605   1.00 33.39 ? 43 HOH A O     1 
HETATM 562 O  O     . HOH D 4 .  ? -1.587  -1.518  -3.908  1.00 31.01 ? 44 HOH A O     1 
HETATM 563 O  O     . HOH D 4 .  ? 0.242   -1.511  -5.369  1.00 45.51 ? 45 HOH A O     1 
HETATM 564 O  O     . HOH D 4 .  ? 0.668   -1.136  -1.053  1.00 34.18 ? 46 HOH A O     1 
HETATM 565 O  O     . HOH D 4 .  ? 2.117   -0.680  -6.499  1.00 46.13 ? 47 HOH A O     1 
HETATM 566 O  O     . HOH D 4 .  ? 1.402   0.271   -4.032  1.00 42.44 ? 48 HOH A O     1 
HETATM 567 O  O     . HOH D 4 .  ? 8.760   4.372   -12.603 1.00 52.76 ? 49 HOH A O     1 
HETATM 568 O  O     . HOH D 4 .  ? 8.567   13.863  -5.353  1.00 48.07 ? 50 HOH A O     1 
HETATM 569 O  O     . HOH D 4 .  ? 9.681   6.639   -11.663 1.00 62.20 ? 51 HOH A O     1 
HETATM 570 O  O     . HOH D 4 .  ? 1.015   9.906   -0.611  1.00 54.32 ? 52 HOH A O     1 
HETATM 571 O  O     . HOH D 4 .  ? -8.818  -7.299  -6.417  1.00 42.35 ? 53 HOH A O     1 
HETATM 572 O  O     . HOH D 4 .  ? 14.811  0.229   -4.075  1.00 44.02 ? 54 HOH A O     1 
HETATM 573 O  O     . HOH D 4 .  ? 11.715  10.481  -12.983 1.00 55.06 ? 55 HOH A O     1 
HETATM 574 O  O     . HOH D 4 .  ? 0.423   -7.516  12.837  1.00 47.97 ? 56 HOH A O     1 
HETATM 575 O  O     . HOH D 4 .  ? 1.064   -2.291  -3.312  1.00 59.87 ? 57 HOH A O     1 
HETATM 576 O  O     . HOH D 4 .  ? 6.404   8.103   -9.985  1.00 56.12 ? 58 HOH A O     1 
HETATM 577 O  O     . HOH D 4 .  ? 19.247  6.479   -7.161  1.00 52.26 ? 59 HOH A O     1 
HETATM 578 O  O     . HOH D 4 .  ? 13.297  10.238  -3.042  1.00 44.91 ? 60 HOH A O     1 
HETATM 579 O  O     . HOH D 4 .  ? -2.560  -11.043 7.555   1.00 43.78 ? 61 HOH A O     1 
HETATM 580 O  O     . HOH D 4 .  ? -0.730  0.820   -5.532  1.00 54.39 ? 62 HOH A O     1 
HETATM 581 O  O     . HOH D 4 .  ? -0.881  -1.475  -7.446  1.00 51.48 ? 63 HOH A O     1 
HETATM 582 O  O     . HOH D 4 .  ? 3.030   2.979   -11.734 1.00 46.13 ? 64 HOH A O     1 
HETATM 583 O  O     . HOH D 4 .  ? 4.735   2.246   -10.244 1.00 51.89 ? 65 HOH A O     1 
HETATM 584 O  O     . HOH D 4 .  ? -9.127  6.550   -6.750  1.00 57.43 ? 66 HOH A O     1 
HETATM 585 O  O     . HOH D 4 .  ? -8.352  5.562   -9.056  1.00 56.94 ? 67 HOH A O     1 
HETATM 586 O  O     . HOH D 4 .  ? -3.061  -0.636  -7.945  1.00 57.94 ? 68 HOH A O     1 
HETATM 587 O  O     . HOH D 4 .  ? 3.431   -1.417  -3.400  1.00 40.40 ? 69 HOH A O     1 
HETATM 588 O  O     . HOH E 4 .  ? -1.295  2.131   4.422   1.00 26.27 ? 26 HOH B O     1 
HETATM 589 O  O     . HOH E 4 .  ? -2.398  -0.331  2.565   1.00 25.82 ? 27 HOH B O     1 
HETATM 590 O  O     . HOH E 4 .  ? 0.424   0.232   5.720   1.00 29.56 ? 28 HOH B O     1 
HETATM 591 O  O     . HOH E 4 .  ? 0.649   0.123   3.083   1.00 28.69 ? 29 HOH B O     1 
HETATM 592 O  O     . HOH E 4 .  ? 4.312   -1.972  -5.980  1.00 32.55 ? 30 HOH B O     1 
HETATM 593 O  O     . HOH E 4 .  ? 14.099  -3.474  -5.252  1.00 20.28 ? 31 HOH B O     1 
HETATM 594 O  O     . HOH E 4 .  ? -9.370  -11.567 7.693   1.00 35.86 ? 32 HOH B O     1 
HETATM 595 O  O     . HOH E 4 .  ? -10.833 -6.789  1.804   1.00 33.07 ? 33 HOH B O     1 
HETATM 596 O  O     . HOH E 4 .  ? -3.893  1.141   8.138   1.00 49.85 ? 34 HOH B O     1 
HETATM 597 O  O     . HOH E 4 .  ? 11.375  4.992   4.708   1.00 41.71 ? 35 HOH B O     1 
HETATM 598 O  O     . HOH E 4 .  ? 4.826   -1.607  -9.177  1.00 35.65 ? 36 HOH B O     1 
HETATM 599 O  O     . HOH E 4 .  ? 5.226   -1.447  -1.559  1.00 29.92 ? 37 HOH B O     1 
HETATM 600 O  O     . HOH E 4 .  ? -15.432 7.525   6.345   1.00 34.46 ? 38 HOH B O     1 
HETATM 601 O  O     . HOH E 4 .  ? -16.395 -6.039  2.120   1.00 37.12 ? 39 HOH B O     1 
HETATM 602 O  O     . HOH E 4 .  ? -8.513  -1.955  11.283  1.00 46.73 ? 40 HOH B O     1 
HETATM 603 O  O     . HOH E 4 .  ? -13.139 -4.294  9.353   1.00 31.74 ? 41 HOH B O     1 
HETATM 604 O  O     . HOH E 4 .  ? 10.430  -10.295 -2.135  1.00 53.30 ? 42 HOH B O     1 
HETATM 605 O  O     . HOH E 4 .  ? -12.317 -1.395  6.970   1.00 30.37 ? 43 HOH B O     1 
HETATM 606 O  O     . HOH E 4 .  ? 6.233   -5.196  -4.669  1.00 32.19 ? 44 HOH B O     1 
HETATM 607 O  O     . HOH E 4 .  ? -11.178 16.007  5.203   1.00 48.06 ? 45 HOH B O     1 
HETATM 608 O  O     . HOH E 4 .  ? 6.539   -3.863  -1.209  1.00 28.50 ? 46 HOH B O     1 
HETATM 609 O  O     . HOH E 4 .  ? 3.185   -1.002  0.207   1.00 33.02 ? 47 HOH B O     1 
HETATM 610 O  O     . HOH E 4 .  ? -10.725 -3.460  10.389  1.00 35.30 ? 48 HOH B O     1 
HETATM 611 O  O     . HOH E 4 .  ? -9.457  -1.010  8.346   1.00 41.43 ? 49 HOH B O     1 
HETATM 612 O  O     . HOH E 4 .  ? -0.150  3.875   6.419   1.00 39.43 ? 50 HOH B O     1 
HETATM 613 O  O     . HOH E 4 .  ? -10.586 -1.062  10.430  1.00 41.82 ? 51 HOH B O     1 
HETATM 614 O  O     . HOH E 4 .  ? -4.761  2.128   5.938   1.00 39.80 ? 53 HOH B O     1 
HETATM 615 O  O     . HOH E 4 .  ? 2.583   -1.776  3.438   1.00 50.65 ? 54 HOH B O     1 
HETATM 616 O  O     . HOH E 4 .  ? 3.437   -11.302 -10.678 1.00 36.49 ? 55 HOH B O     1 
HETATM 617 O  O     . HOH E 4 .  ? 10.910  -6.589  -11.601 1.00 45.80 ? 56 HOH B O     1 
HETATM 618 O  O     . HOH E 4 .  ? 7.203   -8.121  -14.958 1.00 43.43 ? 57 HOH B O     1 
HETATM 619 O  O     . HOH E 4 .  ? 4.253   -11.581 -14.521 1.00 58.94 ? 58 HOH B O     1 
HETATM 620 O  O     . HOH E 4 .  ? 5.604   0.736   -12.137 1.00 45.04 ? 59 HOH B O     1 
HETATM 621 O  O     . HOH E 4 .  ? -8.738  1.082   -1.966  1.00 45.40 ? 60 HOH B O     1 
HETATM 622 O  O     . HOH E 4 .  ? -3.234  8.251   -0.373  1.00 55.69 ? 61 HOH B O     1 
HETATM 623 O  O     . HOH E 4 .  ? 3.109   -5.868  -2.067  1.00 46.79 ? 62 HOH B O     1 
HETATM 624 O  O     . HOH E 4 .  ? -9.936  1.298   10.081  1.00 45.01 ? 63 HOH B O     1 
HETATM 625 O  O     . HOH E 4 .  ? -9.379  0.291   6.210   1.00 40.47 ? 64 HOH B O     1 
HETATM 626 O  O     . HOH E 4 .  ? 7.185   -4.387  2.431   1.00 47.37 ? 65 HOH B O     1 
HETATM 627 O  O     . HOH E 4 .  ? 11.253  -1.679  5.451   1.00 41.99 ? 66 HOH B O     1 
HETATM 628 O  O     . HOH E 4 .  ? 4.295   -0.004  4.900   1.00 37.92 ? 67 HOH B O     1 
HETATM 629 O  O     . HOH E 4 .  ? 6.172   -0.557  2.199   1.00 38.79 ? 68 HOH B O     1 
HETATM 630 O  O     . HOH E 4 .  ? 9.640   -7.091  1.314   1.00 50.41 ? 69 HOH B O     1 
HETATM 631 O  O     . HOH E 4 .  ? 2.552   1.976   5.124   1.00 56.99 ? 70 HOH B O     1 
HETATM 632 O  O     . HOH E 4 .  ? -7.550  1.964   7.473   1.00 49.23 ? 71 HOH B O     1 
HETATM 633 O  O     . HOH E 4 .  ? -1.249  12.384  3.984   1.00 48.34 ? 72 HOH B O     1 
HETATM 634 O  O     . HOH E 4 .  ? -6.874  14.569  5.381   1.00 52.06 ? 73 HOH B O     1 
HETATM 635 O  O     . HOH E 4 .  ? -8.936  13.720  4.099   1.00 50.90 ? 74 HOH B O     1 
HETATM 636 O  O     . HOH E 4 .  ? -7.074  -0.706  9.634   1.00 40.12 ? 75 HOH B O     1 
HETATM 637 O  O     . HOH E 4 .  ? -2.502  12.190  6.946   1.00 51.15 ? 76 HOH B O     1 
HETATM 638 O  O     . HOH E 4 .  ? 2.512   -1.899  -12.406 1.00 42.33 ? 77 HOH B O     1 
HETATM 639 O  O     . HOH E 4 .  ? 4.672   -4.706  -8.331  1.00 49.22 ? 78 HOH B O     1 
HETATM 640 O  O     . HOH E 4 .  ? 4.725   -4.890  0.433   1.00 41.38 ? 79 HOH B O     1 
HETATM 641 O  O     . HOH E 4 .  ? 6.314   -10.117 0.917   1.00 51.49 ? 80 HOH B O     1 
HETATM 642 O  O     . HOH E 4 .  ? -10.329 -0.101  12.717  1.00 52.87 ? 81 HOH B O     1 
HETATM 643 O  O     . HOH E 4 .  ? -13.813 -4.090  -0.458  1.00 50.74 ? 82 HOH B O     1 
HETATM 644 O  O     . HOH E 4 .  ? -7.961  4.854   6.746   1.00 51.86 ? 83 HOH B O     1 
HETATM 645 O  O     . HOH E 4 .  ? 6.370   -12.472 -8.385  1.00 51.90 ? 84 HOH B O     1 
HETATM 646 O  O     . HOH E 4 .  ? 8.005   -6.467  3.056   1.00 40.68 ? 85 HOH B O     1 
HETATM 647 O  O     . HOH E 4 .  ? 7.181   -7.463  0.986   1.00 53.29 ? 86 HOH B O     1 
HETATM 648 O  O     . HOH E 4 .  ? 1.154   6.618   10.108  1.00 58.89 ? 87 HOH B O     1 
HETATM 649 O  O     . HOH E 4 .  ? -4.644  14.644  8.245   1.00 47.78 ? 88 HOH B O     1 
HETATM 650 O  O     . HOH E 4 .  ? -12.909 -0.491  -0.582  1.00 50.53 ? 89 HOH B O     1 
HETATM 651 O  O     . HOH E 4 .  ? -11.876 2.234   -2.207  1.00 42.76 ? 90 HOH B O     1 
HETATM 652 O  O     . HOH E 4 .  ? 9.092   -11.009 -9.382  1.00 47.40 ? 91 HOH B O     1 
# 
